data_6IC3
#
_entry.id   6IC3
#
_cell.length_a   1.0
_cell.length_b   1.0
_cell.length_c   1.0
_cell.angle_alpha   90.00
_cell.angle_beta   90.00
_cell.angle_gamma   90.00
#
_symmetry.space_group_name_H-M   'P 1'
#
_entity_poly.entity_id   1
_entity_poly.type   'polypeptide(L)'
_entity_poly.pdbx_seq_one_letter_code
;VLTQPPSASGTPGQRVTISCSGRSSNIGRNLVKWYQQFPGTAPKLLIYSNDQRPSGVPDRFSGSKSGTSASLAVSGLQSE
DEADYYCAAWDATLNAWVFGGGTKLTVLSQPKAAPS
;
_entity_poly.pdbx_strand_id   A,B,C,D,E,F,G,H
#
# COMPACT_ATOMS: atom_id res chain seq x y z
N GLY A 13 -5.66 -27.45 26.92
CA GLY A 13 -5.63 -27.62 25.48
C GLY A 13 -6.75 -26.90 24.77
N GLN A 14 -6.52 -25.66 24.40
CA GLN A 14 -7.52 -24.82 23.77
C GLN A 14 -7.43 -24.92 22.25
N ARG A 15 -8.56 -24.67 21.59
CA ARG A 15 -8.62 -24.63 20.14
C ARG A 15 -9.41 -23.40 19.74
N VAL A 16 -8.88 -22.64 18.79
CA VAL A 16 -9.58 -21.48 18.23
C VAL A 16 -9.52 -21.61 16.71
N THR A 17 -10.66 -21.48 16.04
CA THR A 17 -10.72 -21.62 14.60
C THR A 17 -11.60 -20.51 14.03
N ILE A 18 -10.97 -19.45 13.57
CA ILE A 18 -11.72 -18.30 13.05
C ILE A 18 -11.56 -18.24 11.56
N SER A 19 -12.46 -18.86 10.82
CA SER A 19 -12.38 -18.87 9.36
C SER A 19 -13.24 -17.75 8.78
N CYS A 20 -12.98 -16.52 9.22
CA CYS A 20 -13.83 -15.40 8.88
C CYS A 20 -13.54 -14.93 7.47
N SER A 21 -14.31 -15.44 6.52
CA SER A 21 -14.11 -15.15 5.12
C SER A 21 -14.47 -13.72 4.79
N GLY A 22 -14.00 -13.25 3.65
CA GLY A 22 -14.03 -11.84 3.34
C GLY A 22 -14.95 -11.42 2.23
N ARG A 23 -14.37 -10.90 1.14
CA ARG A 23 -15.12 -10.31 0.05
C ARG A 23 -14.91 -11.14 -1.20
N SER A 24 -16.00 -11.70 -1.73
CA SER A 24 -16.00 -12.68 -2.81
C SER A 24 -15.06 -13.83 -2.49
N SER A 25 -15.39 -14.57 -1.44
CA SER A 25 -14.45 -15.46 -0.80
C SER A 25 -14.85 -16.92 -0.96
N ASN A 26 -13.85 -17.75 -1.27
CA ASN A 26 -13.97 -19.20 -1.40
C ASN A 26 -15.01 -19.60 -2.43
N ILE A 27 -14.97 -18.99 -3.58
CA ILE A 27 -16.10 -19.03 -4.48
C ILE A 27 -15.95 -20.21 -5.43
N GLY A 28 -17.06 -20.92 -5.65
CA GLY A 28 -17.02 -22.12 -6.45
C GLY A 28 -17.05 -21.86 -7.93
N ARG A 29 -18.16 -21.31 -8.41
CA ARG A 29 -18.37 -21.13 -9.84
C ARG A 29 -19.02 -19.77 -10.10
N ASN A 30 -18.46 -18.74 -9.49
CA ASN A 30 -19.06 -17.41 -9.51
C ASN A 30 -18.96 -16.78 -10.88
N LEU A 31 -19.93 -15.94 -11.20
CA LEU A 31 -19.99 -15.25 -12.47
C LEU A 31 -20.75 -13.95 -12.26
N VAL A 32 -20.26 -12.85 -12.81
CA VAL A 32 -20.97 -11.58 -12.79
C VAL A 32 -21.04 -11.08 -14.23
N LYS A 33 -22.10 -11.44 -14.93
CA LYS A 33 -22.33 -10.89 -16.26
C LYS A 33 -22.94 -9.51 -16.12
N TRP A 34 -22.33 -8.52 -16.76
CA TRP A 34 -22.86 -7.17 -16.75
C TRP A 34 -23.09 -6.73 -18.19
N TYR A 35 -23.98 -5.76 -18.35
CA TYR A 35 -24.14 -5.09 -19.62
C TYR A 35 -24.68 -3.70 -19.34
N GLN A 36 -24.39 -2.77 -20.24
CA GLN A 36 -24.96 -1.43 -20.20
C GLN A 36 -24.92 -0.87 -21.61
N GLN A 37 -26.08 -0.64 -22.19
CA GLN A 37 -26.15 -0.11 -23.54
C GLN A 37 -26.92 1.18 -23.52
N PHE A 38 -26.58 2.07 -24.44
CA PHE A 38 -27.17 3.39 -24.63
C PHE A 38 -27.25 4.34 -23.44
N PRO A 39 -26.24 4.54 -22.58
CA PRO A 39 -26.44 5.58 -21.56
C PRO A 39 -25.96 6.95 -22.03
N GLY A 40 -26.68 7.97 -21.62
CA GLY A 40 -26.24 9.33 -21.90
C GLY A 40 -26.26 10.08 -20.60
N THR A 41 -25.13 10.62 -20.19
CA THR A 41 -24.97 11.12 -18.83
C THR A 41 -24.39 12.51 -18.87
N ALA A 42 -24.95 13.44 -18.11
CA ALA A 42 -24.40 14.79 -18.02
C ALA A 42 -24.43 15.32 -16.60
N PRO A 43 -23.80 14.62 -15.65
CA PRO A 43 -23.93 15.02 -14.25
C PRO A 43 -22.97 16.16 -13.89
N LYS A 44 -23.52 17.36 -13.78
CA LYS A 44 -22.70 18.49 -13.36
C LYS A 44 -23.05 18.89 -11.94
N LEU A 45 -22.13 19.58 -11.29
CA LEU A 45 -22.35 20.10 -9.95
C LEU A 45 -21.87 21.55 -9.92
N LEU A 46 -22.69 22.43 -9.37
CA LEU A 46 -22.35 23.85 -9.31
C LEU A 46 -22.68 24.35 -7.91
N ILE A 47 -21.81 25.20 -7.37
CA ILE A 47 -21.97 25.69 -6.01
C ILE A 47 -21.71 27.18 -5.99
N TYR A 48 -22.64 27.94 -5.42
CA TYR A 48 -22.38 29.34 -5.14
C TYR A 48 -21.65 29.54 -3.82
N SER A 49 -22.04 28.80 -2.78
CA SER A 49 -21.34 28.85 -1.49
C SER A 49 -21.70 27.61 -0.69
N ASN A 50 -20.70 26.82 -0.31
CA ASN A 50 -20.94 25.63 0.51
C ASN A 50 -19.71 25.37 1.34
N ASP A 51 -19.74 25.78 2.60
CA ASP A 51 -18.61 25.57 3.48
C ASP A 51 -19.01 24.66 4.63
N GLN A 52 -18.72 23.38 4.49
CA GLN A 52 -18.75 22.48 5.63
C GLN A 52 -17.61 22.82 6.57
N ARG A 53 -17.77 22.50 7.85
CA ARG A 53 -16.70 22.73 8.80
C ARG A 53 -16.51 21.53 9.73
N PRO A 54 -16.41 20.32 9.19
CA PRO A 54 -16.52 19.15 10.05
C PRO A 54 -15.24 18.79 10.77
N SER A 55 -15.13 19.12 12.05
CA SER A 55 -13.90 18.92 12.81
C SER A 55 -14.14 17.84 13.85
N GLY A 56 -13.97 16.58 13.45
CA GLY A 56 -14.28 15.47 14.33
C GLY A 56 -13.18 15.21 15.34
N VAL A 57 -13.53 15.11 16.61
CA VAL A 57 -12.53 14.82 17.63
C VAL A 57 -12.92 13.53 18.35
N PRO A 58 -12.52 12.37 17.87
CA PRO A 58 -12.79 11.14 18.61
C PRO A 58 -11.72 10.89 19.66
N ASP A 59 -12.00 9.91 20.52
CA ASP A 59 -11.01 9.43 21.47
C ASP A 59 -10.65 7.97 21.22
N ARG A 60 -11.61 7.07 21.31
CA ARG A 60 -11.37 5.65 21.05
C ARG A 60 -12.37 5.23 19.99
N PHE A 61 -11.90 4.60 18.94
CA PHE A 61 -12.75 4.44 17.80
C PHE A 61 -12.41 3.14 17.12
N SER A 62 -13.41 2.45 16.59
CA SER A 62 -13.12 1.27 15.80
C SER A 62 -14.02 1.09 14.58
N GLY A 63 -14.91 2.03 14.27
CA GLY A 63 -15.97 1.78 13.34
C GLY A 63 -15.60 2.02 11.90
N SER A 64 -16.51 1.63 11.00
CA SER A 64 -16.16 1.48 9.59
C SER A 64 -16.04 2.83 8.87
N LYS A 65 -17.14 3.55 8.73
CA LYS A 65 -17.11 4.84 8.06
C LYS A 65 -17.14 5.90 9.14
N SER A 66 -15.95 6.29 9.59
CA SER A 66 -15.79 7.13 10.76
C SER A 66 -16.18 8.57 10.52
N GLY A 67 -16.37 8.95 9.27
CA GLY A 67 -16.31 10.35 8.95
C GLY A 67 -17.53 11.20 9.24
N THR A 68 -17.44 12.02 10.27
CA THR A 68 -18.36 13.14 10.42
C THR A 68 -18.04 14.08 9.29
N SER A 69 -18.82 14.03 8.21
CA SER A 69 -18.30 14.49 6.93
C SER A 69 -19.47 14.79 5.99
N ALA A 70 -19.83 16.05 5.86
CA ALA A 70 -20.98 16.40 5.05
C ALA A 70 -20.59 16.39 3.57
N SER A 71 -20.90 15.30 2.88
CA SER A 71 -20.51 15.13 1.49
C SER A 71 -21.65 15.52 0.56
N LEU A 72 -21.40 15.40 -0.74
CA LEU A 72 -22.40 15.64 -1.78
C LEU A 72 -22.10 14.69 -2.94
N ALA A 73 -22.78 13.58 -2.99
CA ALA A 73 -22.44 12.54 -3.95
C ALA A 73 -23.48 12.53 -5.05
N VAL A 74 -23.19 13.21 -6.14
CA VAL A 74 -24.01 13.12 -7.34
C VAL A 74 -23.49 11.94 -8.15
N SER A 75 -24.38 11.01 -8.45
CA SER A 75 -24.00 9.80 -9.16
C SER A 75 -24.65 9.79 -10.53
N GLY A 76 -23.85 9.53 -11.55
CA GLY A 76 -24.32 9.34 -12.89
C GLY A 76 -24.73 7.91 -13.09
N LEU A 77 -24.04 7.25 -14.01
CA LEU A 77 -24.33 5.84 -14.25
C LEU A 77 -23.96 4.96 -13.07
N GLN A 78 -22.70 4.92 -12.67
CA GLN A 78 -22.35 3.95 -11.66
C GLN A 78 -21.27 4.49 -10.74
N SER A 79 -21.44 4.22 -9.44
CA SER A 79 -20.43 4.59 -8.45
C SER A 79 -20.57 3.62 -7.29
N GLU A 80 -19.69 2.63 -7.23
CA GLU A 80 -19.73 1.63 -6.19
C GLU A 80 -18.71 1.99 -5.12
N ASP A 81 -19.15 2.03 -3.87
CA ASP A 81 -18.26 2.43 -2.79
C ASP A 81 -18.53 1.56 -1.57
N GLU A 82 -17.56 0.74 -1.20
CA GLU A 82 -17.68 -0.08 0.00
C GLU A 82 -16.49 0.18 0.89
N ALA A 83 -16.44 -0.53 2.01
CA ALA A 83 -15.29 -0.46 2.90
C ALA A 83 -15.25 -1.75 3.68
N ASP A 84 -14.12 -2.46 3.62
CA ASP A 84 -13.96 -3.71 4.32
C ASP A 84 -13.00 -3.54 5.48
N TYR A 85 -13.35 -4.13 6.60
CA TYR A 85 -12.49 -4.13 7.77
C TYR A 85 -12.88 -5.39 8.54
N TYR A 86 -12.11 -6.45 8.33
CA TYR A 86 -12.59 -7.76 8.71
C TYR A 86 -11.96 -8.26 9.99
N CYS A 87 -12.76 -9.05 10.74
CA CYS A 87 -12.32 -9.94 11.80
C CYS A 87 -11.65 -9.18 12.93
N ALA A 88 -12.04 -7.92 13.11
CA ALA A 88 -11.33 -6.99 13.95
C ALA A 88 -11.57 -7.29 15.41
N ALA A 89 -10.78 -6.65 16.25
CA ALA A 89 -10.91 -6.83 17.69
C ALA A 89 -10.34 -5.60 18.37
N TRP A 90 -11.21 -4.79 18.97
CA TRP A 90 -10.74 -3.68 19.78
C TRP A 90 -9.99 -4.18 21.00
N ASP A 91 -10.53 -5.19 21.67
CA ASP A 91 -9.83 -5.84 22.78
C ASP A 91 -10.40 -7.24 22.90
N ALA A 92 -9.69 -8.24 22.39
CA ALA A 92 -10.15 -9.62 22.48
C ALA A 92 -9.13 -10.44 23.26
N THR A 93 -9.63 -11.42 24.00
CA THR A 93 -8.79 -12.36 24.72
C THR A 93 -9.50 -13.71 24.61
N LEU A 94 -8.95 -14.60 23.81
CA LEU A 94 -9.74 -15.75 23.38
C LEU A 94 -9.70 -16.89 24.40
N ASN A 95 -8.56 -17.14 25.01
CA ASN A 95 -8.48 -18.13 26.07
C ASN A 95 -7.53 -17.64 27.15
N ALA A 96 -7.68 -18.19 28.35
CA ALA A 96 -6.83 -17.77 29.45
C ALA A 96 -6.83 -18.82 30.55
N TRP A 97 -5.86 -18.68 31.44
CA TRP A 97 -5.69 -19.44 32.66
C TRP A 97 -4.89 -18.57 33.60
N VAL A 98 -5.28 -18.51 34.86
CA VAL A 98 -4.50 -17.81 35.87
C VAL A 98 -4.40 -18.74 37.07
N PHE A 99 -3.31 -18.66 37.80
CA PHE A 99 -3.14 -19.36 39.05
C PHE A 99 -2.43 -18.41 40.01
N GLY A 100 -2.68 -18.54 41.30
CA GLY A 100 -2.00 -17.75 42.31
C GLY A 100 -1.31 -18.63 43.34
N GLY A 101 -0.08 -18.27 43.69
CA GLY A 101 0.62 -19.00 44.73
C GLY A 101 1.52 -18.21 45.65
N GLY A 102 1.24 -16.94 45.88
CA GLY A 102 2.19 -16.11 46.60
C GLY A 102 2.09 -16.21 48.11
N THR A 103 2.97 -16.98 48.73
CA THR A 103 2.92 -17.21 50.18
C THR A 103 3.39 -15.99 50.95
N GLY B 13 -1.33 -27.49 25.11
CA GLY B 13 -1.30 -27.64 23.67
C GLY B 13 -2.42 -26.92 22.96
N GLN B 14 -2.17 -25.66 22.61
CA GLN B 14 -3.18 -24.82 21.97
C GLN B 14 -3.09 -24.91 20.46
N ARG B 15 -4.20 -24.65 19.80
CA ARG B 15 -4.26 -24.59 18.36
C ARG B 15 -5.04 -23.35 17.96
N VAL B 16 -4.51 -22.59 17.01
CA VAL B 16 -5.20 -21.43 16.46
C VAL B 16 -5.14 -21.54 14.95
N THR B 17 -6.28 -21.39 14.29
CA THR B 17 -6.34 -21.52 12.83
C THR B 17 -7.21 -20.41 12.27
N ILE B 18 -6.58 -19.34 11.82
CA ILE B 18 -7.32 -18.19 11.32
C ILE B 18 -7.15 -18.11 9.82
N SER B 19 -8.07 -18.72 9.08
CA SER B 19 -7.98 -18.71 7.63
C SER B 19 -8.83 -17.58 7.04
N CYS B 20 -8.56 -16.37 7.51
CA CYS B 20 -9.42 -15.23 7.17
C CYS B 20 -9.11 -14.76 5.76
N SER B 21 -9.89 -15.25 4.80
CA SER B 21 -9.67 -14.96 3.40
C SER B 21 -10.04 -13.52 3.10
N GLY B 22 -9.55 -13.04 1.95
CA GLY B 22 -9.57 -11.62 1.66
C GLY B 22 -10.50 -11.19 0.54
N ARG B 23 -9.92 -10.67 -0.53
CA ARG B 23 -10.65 -10.05 -1.62
C ARG B 23 -10.44 -10.88 -2.88
N SER B 24 -11.54 -11.43 -3.41
CA SER B 24 -11.54 -12.40 -4.51
C SER B 24 -10.60 -13.55 -4.20
N SER B 25 -10.95 -14.30 -3.15
CA SER B 25 -10.02 -15.21 -2.51
C SER B 25 -10.43 -16.66 -2.68
N ASN B 26 -9.43 -17.50 -3.01
CA ASN B 26 -9.55 -18.94 -3.14
C ASN B 26 -10.60 -19.33 -4.18
N ILE B 27 -10.54 -18.71 -5.33
CA ILE B 27 -11.69 -18.74 -6.22
C ILE B 27 -11.55 -19.91 -7.19
N GLY B 28 -12.66 -20.60 -7.42
CA GLY B 28 -12.62 -21.80 -8.22
C GLY B 28 -12.65 -21.54 -9.70
N ARG B 29 -13.74 -20.97 -10.18
CA ARG B 29 -13.96 -20.77 -11.61
C ARG B 29 -14.60 -19.42 -11.85
N ASN B 30 -14.03 -18.39 -11.24
CA ASN B 30 -14.62 -17.06 -11.24
C ASN B 30 -14.52 -16.41 -12.61
N LEU B 31 -15.50 -15.57 -12.93
CA LEU B 31 -15.54 -14.86 -14.19
C LEU B 31 -16.29 -13.56 -13.97
N VAL B 32 -15.80 -12.46 -14.51
CA VAL B 32 -16.49 -11.18 -14.48
C VAL B 32 -16.56 -10.68 -15.92
N LYS B 33 -17.63 -11.01 -16.63
CA LYS B 33 -17.85 -10.45 -17.95
C LYS B 33 -18.46 -9.07 -17.80
N TRP B 34 -17.84 -8.09 -18.42
CA TRP B 34 -18.36 -6.74 -18.41
C TRP B 34 -18.58 -6.27 -19.83
N TYR B 35 -19.46 -5.30 -20.00
CA TYR B 35 -19.62 -4.62 -21.26
C TYR B 35 -20.16 -3.23 -20.97
N GLN B 36 -19.86 -2.30 -21.86
CA GLN B 36 -20.42 -0.95 -21.80
C GLN B 36 -20.37 -0.39 -23.21
N GLN B 37 -21.53 -0.14 -23.79
CA GLN B 37 -21.59 0.40 -25.14
C GLN B 37 -22.36 1.70 -25.11
N PHE B 38 -22.01 2.59 -26.02
CA PHE B 38 -22.59 3.92 -26.21
C PHE B 38 -22.68 4.86 -25.00
N PRO B 39 -21.66 5.04 -24.14
CA PRO B 39 -21.85 6.08 -23.11
C PRO B 39 -21.36 7.44 -23.56
N GLY B 40 -22.07 8.48 -23.15
CA GLY B 40 -21.63 9.82 -23.41
C GLY B 40 -21.64 10.57 -22.10
N THR B 41 -20.51 11.11 -21.69
CA THR B 41 -20.35 11.58 -20.32
C THR B 41 -19.76 12.98 -20.36
N ALA B 42 -20.32 13.90 -19.59
CA ALA B 42 -19.76 15.25 -19.49
C ALA B 42 -19.79 15.76 -18.06
N PRO B 43 -19.16 15.06 -17.12
CA PRO B 43 -19.30 15.45 -15.72
C PRO B 43 -18.33 16.57 -15.35
N LYS B 44 -18.87 17.77 -15.23
CA LYS B 44 -18.06 18.90 -14.80
C LYS B 44 -18.40 19.29 -13.37
N LEU B 45 -17.47 19.97 -12.71
CA LEU B 45 -17.69 20.48 -11.36
C LEU B 45 -17.21 21.93 -11.33
N LEU B 46 -18.01 22.81 -10.78
CA LEU B 46 -17.67 24.21 -10.70
C LEU B 46 -17.99 24.71 -9.31
N ILE B 47 -17.12 25.55 -8.75
CA ILE B 47 -17.28 26.03 -7.38
C ILE B 47 -17.02 27.53 -7.35
N TYR B 48 -17.94 28.28 -6.77
CA TYR B 48 -17.67 29.68 -6.48
C TYR B 48 -16.95 29.86 -5.15
N SER B 49 -17.33 29.11 -4.12
CA SER B 49 -16.64 29.15 -2.83
C SER B 49 -17.01 27.90 -2.05
N ASN B 50 -16.01 27.11 -1.67
CA ASN B 50 -16.27 25.91 -0.87
C ASN B 50 -15.03 25.64 -0.03
N ASP B 51 -15.06 26.03 1.22
CA ASP B 51 -13.93 25.81 2.12
C ASP B 51 -14.35 24.90 3.26
N GLN B 52 -14.06 23.61 3.10
CA GLN B 52 -14.10 22.71 4.23
C GLN B 52 -12.96 23.02 5.17
N ARG B 53 -13.11 22.70 6.44
CA ARG B 53 -12.04 22.92 7.41
C ARG B 53 -11.86 21.71 8.33
N PRO B 54 -11.77 20.50 7.77
CA PRO B 54 -11.89 19.32 8.63
C PRO B 54 -10.61 18.95 9.35
N SER B 55 -10.51 19.27 10.63
CA SER B 55 -9.27 19.05 11.38
C SER B 55 -9.52 17.96 12.42
N GLY B 56 -9.35 16.70 12.01
CA GLY B 56 -9.68 15.59 12.88
C GLY B 56 -8.58 15.32 13.88
N VAL B 57 -8.94 15.22 15.16
CA VAL B 57 -7.93 14.90 16.17
C VAL B 57 -8.33 13.61 16.89
N PRO B 58 -7.93 12.45 16.39
CA PRO B 58 -8.21 11.21 17.12
C PRO B 58 -7.15 10.94 18.17
N ASP B 59 -7.43 9.96 19.03
CA ASP B 59 -6.44 9.47 19.96
C ASP B 59 -6.10 8.02 19.71
N ARG B 60 -7.06 7.11 19.79
CA ARG B 60 -6.84 5.70 19.51
C ARG B 60 -7.84 5.29 18.46
N PHE B 61 -7.36 4.68 17.40
CA PHE B 61 -8.22 4.52 16.25
C PHE B 61 -7.88 3.22 15.56
N SER B 62 -8.89 2.55 15.02
CA SER B 62 -8.60 1.37 14.22
C SER B 62 -9.50 1.21 13.00
N GLY B 63 -10.38 2.16 12.72
CA GLY B 63 -11.45 1.92 11.76
C GLY B 63 -11.07 2.16 10.32
N SER B 64 -11.99 1.79 9.44
CA SER B 64 -11.63 1.65 8.02
C SER B 64 -11.51 3.00 7.31
N LYS B 65 -12.60 3.74 7.17
CA LYS B 65 -12.56 5.03 6.50
C LYS B 65 -12.59 6.08 7.62
N SER B 66 -11.39 6.46 8.05
CA SER B 66 -11.24 7.29 9.23
C SER B 66 -11.62 8.73 9.00
N GLY B 67 -11.80 9.13 7.76
CA GLY B 67 -11.73 10.53 7.45
C GLY B 67 -12.94 11.38 7.74
N THR B 68 -12.86 12.19 8.79
CA THR B 68 -13.77 13.31 8.95
C THR B 68 -13.44 14.27 7.82
N SER B 69 -14.22 14.23 6.75
CA SER B 69 -13.70 14.70 5.46
C SER B 69 -14.86 15.01 4.54
N ALA B 70 -15.21 16.29 4.41
CA ALA B 70 -16.35 16.64 3.59
C ALA B 70 -15.96 16.64 2.12
N SER B 71 -16.29 15.56 1.42
CA SER B 71 -15.91 15.40 0.03
C SER B 71 -17.04 15.81 -0.90
N LEU B 72 -16.78 15.68 -2.20
CA LEU B 72 -17.78 15.95 -3.24
C LEU B 72 -17.48 15.01 -4.40
N ALA B 73 -18.17 13.89 -4.47
CA ALA B 73 -17.83 12.86 -5.43
C ALA B 73 -18.87 12.87 -6.54
N VAL B 74 -18.57 13.55 -7.63
CA VAL B 74 -19.38 13.48 -8.82
C VAL B 74 -18.89 12.31 -9.64
N SER B 75 -19.78 11.38 -9.95
CA SER B 75 -19.41 10.18 -10.67
C SER B 75 -20.05 10.19 -12.05
N GLY B 76 -19.25 9.92 -13.05
CA GLY B 76 -19.73 9.76 -14.40
C GLY B 76 -20.14 8.33 -14.61
N LEU B 77 -19.45 7.67 -15.54
CA LEU B 77 -19.75 6.27 -15.80
C LEU B 77 -19.40 5.38 -14.62
N GLN B 78 -18.13 5.33 -14.22
CA GLN B 78 -17.79 4.35 -13.21
C GLN B 78 -16.70 4.86 -12.29
N SER B 79 -16.87 4.58 -11.00
CA SER B 79 -15.87 4.94 -10.00
C SER B 79 -16.02 3.96 -8.85
N GLU B 80 -15.14 2.97 -8.80
CA GLU B 80 -15.19 1.96 -7.76
C GLU B 80 -14.17 2.29 -6.70
N ASP B 81 -14.60 2.33 -5.45
CA ASP B 81 -13.71 2.71 -4.36
C ASP B 81 -13.98 1.84 -3.14
N GLU B 82 -13.03 1.02 -2.78
CA GLU B 82 -13.16 0.19 -1.60
C GLU B 82 -11.95 0.43 -0.70
N ALA B 83 -11.92 -0.28 0.42
CA ALA B 83 -10.77 -0.23 1.31
C ALA B 83 -10.73 -1.53 2.08
N ASP B 84 -9.61 -2.24 2.01
CA ASP B 84 -9.46 -3.50 2.71
C ASP B 84 -8.50 -3.35 3.87
N TYR B 85 -8.86 -3.95 4.99
CA TYR B 85 -7.99 -3.96 6.15
C TYR B 85 -8.39 -5.23 6.91
N TYR B 86 -7.63 -6.29 6.70
CA TYR B 86 -8.12 -7.61 7.06
C TYR B 86 -7.49 -8.12 8.35
N CYS B 87 -8.30 -8.90 9.07
CA CYS B 87 -7.86 -9.81 10.13
C CYS B 87 -7.20 -9.06 11.28
N ALA B 88 -7.57 -7.80 11.45
CA ALA B 88 -6.86 -6.89 12.30
C ALA B 88 -7.12 -7.19 13.76
N ALA B 89 -6.31 -6.56 14.61
CA ALA B 89 -6.45 -6.76 16.05
C ALA B 89 -5.87 -5.54 16.74
N TRP B 90 -6.74 -4.73 17.36
CA TRP B 90 -6.27 -3.63 18.17
C TRP B 90 -5.52 -4.14 19.38
N ASP B 91 -6.05 -5.16 20.05
CA ASP B 91 -5.36 -5.81 21.15
C ASP B 91 -5.95 -7.22 21.26
N ALA B 92 -5.25 -8.21 20.74
CA ALA B 92 -5.69 -9.60 20.81
C ALA B 92 -4.70 -10.43 21.59
N THR B 93 -5.20 -11.40 22.33
CA THR B 93 -4.36 -12.36 23.03
C THR B 93 -5.08 -13.70 22.92
N LEU B 94 -4.54 -14.59 22.10
CA LEU B 94 -5.33 -15.73 21.67
C LEU B 94 -5.31 -16.88 22.67
N ASN B 95 -4.17 -17.14 23.29
CA ASN B 95 -4.09 -18.15 24.34
C ASN B 95 -3.15 -17.67 25.42
N ALA B 96 -3.30 -18.23 26.61
CA ALA B 96 -2.45 -17.82 27.73
C ALA B 96 -2.46 -18.88 28.81
N TRP B 97 -1.48 -18.76 29.70
CA TRP B 97 -1.31 -19.54 30.91
C TRP B 97 -0.50 -18.66 31.86
N VAL B 98 -0.91 -18.62 33.13
CA VAL B 98 -0.13 -17.93 34.15
C VAL B 98 -0.03 -18.87 35.33
N PHE B 99 1.07 -18.80 36.06
CA PHE B 99 1.22 -19.51 37.32
C PHE B 99 1.95 -18.57 38.27
N GLY B 100 1.69 -18.72 39.58
CA GLY B 100 2.37 -17.94 40.58
C GLY B 100 3.05 -18.84 41.61
N GLY B 101 4.29 -18.49 41.96
CA GLY B 101 4.98 -19.23 43.00
C GLY B 101 5.89 -18.44 43.93
N GLY B 102 5.62 -17.17 44.16
CA GLY B 102 6.57 -16.36 44.90
C GLY B 102 6.46 -16.46 46.41
N THR B 103 7.34 -17.25 47.02
CA THR B 103 7.29 -17.50 48.46
C THR B 103 7.76 -16.29 49.25
N GLY C 13 3.03 -27.45 23.16
CA GLY C 13 3.07 -27.60 21.72
C GLY C 13 1.95 -26.86 21.02
N GLN C 14 2.20 -25.61 20.68
CA GLN C 14 1.20 -24.76 20.06
C GLN C 14 1.30 -24.83 18.54
N ARG C 15 0.18 -24.55 17.89
CA ARG C 15 0.12 -24.49 16.43
C ARG C 15 -0.66 -23.24 16.05
N VAL C 16 -0.12 -22.46 15.12
CA VAL C 16 -0.81 -21.30 14.58
C VAL C 16 -0.74 -21.40 13.06
N THR C 17 -1.88 -21.24 12.39
CA THR C 17 -1.94 -21.36 10.95
C THR C 17 -2.81 -20.24 10.39
N ILE C 18 -2.17 -19.17 9.95
CA ILE C 18 -2.91 -18.00 9.46
C ILE C 18 -2.74 -17.91 7.96
N SER C 19 -3.66 -18.52 7.21
CA SER C 19 -3.57 -18.49 5.76
C SER C 19 -4.41 -17.36 5.19
N CYS C 20 -4.14 -16.15 5.66
CA CYS C 20 -4.98 -15.00 5.33
C CYS C 20 -4.67 -14.52 3.92
N SER C 21 -5.45 -15.00 2.97
CA SER C 21 -5.25 -14.70 1.57
C SER C 21 -5.60 -13.25 1.27
N GLY C 22 -5.11 -12.77 0.14
CA GLY C 22 -5.13 -11.34 -0.14
C GLY C 22 -6.04 -10.89 -1.25
N ARG C 23 -5.46 -10.37 -2.32
CA ARG C 23 -6.20 -9.74 -3.41
C ARG C 23 -5.99 -10.55 -4.68
N SER C 24 -7.09 -11.09 -5.21
CA SER C 24 -7.10 -12.06 -6.32
C SER C 24 -6.17 -13.22 -6.01
N SER C 25 -6.52 -13.97 -4.98
CA SER C 25 -5.58 -14.89 -4.35
C SER C 25 -6.01 -16.34 -4.53
N ASN C 26 -5.01 -17.17 -4.87
CA ASN C 26 -5.14 -18.63 -5.02
C ASN C 26 -6.18 -18.99 -6.05
N ILE C 27 -6.13 -18.37 -7.19
CA ILE C 27 -7.27 -18.39 -8.09
C ILE C 27 -7.14 -19.54 -9.07
N GLY C 28 -8.25 -20.23 -9.30
CA GLY C 28 -8.22 -21.43 -10.11
C GLY C 28 -8.25 -21.14 -11.59
N ARG C 29 -9.34 -20.57 -12.08
CA ARG C 29 -9.55 -20.36 -13.50
C ARG C 29 -10.19 -18.99 -13.73
N ASN C 30 -9.61 -17.98 -13.10
CA ASN C 30 -10.20 -16.64 -13.09
C ASN C 30 -10.10 -15.98 -14.46
N LEU C 31 -11.07 -15.13 -14.76
CA LEU C 31 -11.11 -14.41 -16.03
C LEU C 31 -11.86 -13.11 -15.79
N VAL C 32 -11.35 -12.01 -16.32
CA VAL C 32 -12.05 -10.73 -16.29
C VAL C 32 -12.11 -10.21 -17.72
N LYS C 33 -13.18 -10.54 -18.43
CA LYS C 33 -13.39 -9.95 -19.74
C LYS C 33 -14.00 -8.57 -19.58
N TRP C 34 -13.37 -7.59 -20.19
CA TRP C 34 -13.89 -6.23 -20.16
C TRP C 34 -14.10 -5.77 -21.59
N TYR C 35 -14.99 -4.78 -21.74
CA TYR C 35 -15.13 -4.08 -23.00
C TYR C 35 -15.66 -2.70 -22.70
N GLN C 36 -15.36 -1.76 -23.58
CA GLN C 36 -15.92 -0.41 -23.51
C GLN C 36 -15.86 0.17 -24.90
N GLN C 37 -17.03 0.43 -25.49
CA GLN C 37 -17.08 0.97 -26.83
C GLN C 37 -17.85 2.28 -26.78
N PHE C 38 -17.49 3.18 -27.69
CA PHE C 38 -18.07 4.51 -27.87
C PHE C 38 -18.15 5.43 -26.65
N PRO C 39 -17.14 5.61 -25.79
CA PRO C 39 -17.31 6.64 -24.76
C PRO C 39 -16.82 8.00 -25.19
N GLY C 40 -17.52 9.04 -24.77
CA GLY C 40 -17.08 10.39 -25.02
C GLY C 40 -17.09 11.13 -23.71
N THR C 41 -15.95 11.64 -23.28
CA THR C 41 -15.79 12.11 -21.92
C THR C 41 -15.20 13.51 -21.94
N ALA C 42 -15.76 14.42 -21.16
CA ALA C 42 -15.19 15.76 -21.05
C ALA C 42 -15.21 16.27 -19.61
N PRO C 43 -14.59 15.54 -18.68
CA PRO C 43 -14.72 15.93 -17.27
C PRO C 43 -13.74 17.04 -16.90
N LYS C 44 -14.28 18.25 -16.76
CA LYS C 44 -13.46 19.36 -16.33
C LYS C 44 -13.81 19.73 -14.89
N LEU C 45 -12.87 20.41 -14.23
CA LEU C 45 -13.09 20.91 -12.89
C LEU C 45 -12.60 22.35 -12.83
N LEU C 46 -13.40 23.24 -12.27
CA LEU C 46 -13.05 24.64 -12.18
C LEU C 46 -13.38 25.13 -10.78
N ILE C 47 -12.50 25.95 -10.21
CA ILE C 47 -12.65 26.42 -8.84
C ILE C 47 -12.38 27.92 -8.80
N TYR C 48 -13.31 28.67 -8.22
CA TYR C 48 -13.02 30.07 -7.91
C TYR C 48 -12.30 30.23 -6.59
N SER C 49 -12.69 29.47 -5.55
CA SER C 49 -12.00 29.50 -4.27
C SER C 49 -12.38 28.25 -3.50
N ASN C 50 -11.38 27.44 -3.13
CA ASN C 50 -11.64 26.24 -2.34
C ASN C 50 -10.41 25.96 -1.49
N ASP C 51 -10.44 26.33 -0.23
CA ASP C 51 -9.31 26.10 0.64
C ASP C 51 -9.72 25.18 1.78
N GLN C 52 -9.45 23.89 1.61
CA GLN C 52 -9.49 22.98 2.73
C GLN C 52 -8.34 23.29 3.67
N ARG C 53 -8.50 22.95 4.95
CA ARG C 53 -7.43 23.15 5.92
C ARG C 53 -7.26 21.93 6.82
N PRO C 54 -7.17 20.73 6.26
CA PRO C 54 -7.30 19.55 7.10
C PRO C 54 -6.03 19.15 7.82
N SER C 55 -5.91 19.47 9.10
CA SER C 55 -4.69 19.24 9.86
C SER C 55 -4.94 18.14 10.88
N GLY C 56 -4.77 16.89 10.46
CA GLY C 56 -5.10 15.77 11.32
C GLY C 56 -4.01 15.48 12.32
N VAL C 57 -4.37 15.37 13.59
CA VAL C 57 -3.36 15.04 14.60
C VAL C 57 -3.76 13.75 15.31
N PRO C 58 -3.37 12.58 14.80
CA PRO C 58 -3.66 11.34 15.53
C PRO C 58 -2.61 11.06 16.57
N ASP C 59 -2.89 10.07 17.42
CA ASP C 59 -1.90 9.57 18.36
C ASP C 59 -1.55 8.11 18.08
N ARG C 60 -2.53 7.21 18.15
CA ARG C 60 -2.32 5.80 17.87
C ARG C 60 -3.31 5.41 16.81
N PHE C 61 -2.84 4.80 15.75
CA PHE C 61 -3.70 4.66 14.60
C PHE C 61 -3.37 3.36 13.89
N SER C 62 -4.38 2.70 13.34
CA SER C 62 -4.10 1.53 12.54
C SER C 62 -5.00 1.38 11.32
N GLY C 63 -5.87 2.34 11.03
CA GLY C 63 -6.94 2.11 10.08
C GLY C 63 -6.56 2.37 8.65
N SER C 64 -7.48 2.01 7.75
CA SER C 64 -7.13 1.88 6.33
C SER C 64 -7.00 3.23 5.64
N LYS C 65 -8.08 3.98 5.51
CA LYS C 65 -8.04 5.28 4.86
C LYS C 65 -8.06 6.32 5.96
N SER C 66 -6.87 6.69 6.40
CA SER C 66 -6.70 7.51 7.60
C SER C 66 -7.07 8.96 7.39
N GLY C 67 -7.26 9.37 6.14
CA GLY C 67 -7.19 10.76 5.84
C GLY C 67 -8.39 11.62 6.14
N THR C 68 -8.30 12.43 7.20
CA THR C 68 -9.21 13.54 7.37
C THR C 68 -8.87 14.50 6.25
N SER C 69 -9.65 14.48 5.17
CA SER C 69 -9.13 14.96 3.89
C SER C 69 -10.28 15.29 2.97
N ALA C 70 -10.63 16.56 2.85
CA ALA C 70 -11.78 16.92 2.04
C ALA C 70 -11.39 16.94 0.57
N SER C 71 -11.71 15.87 -0.14
CA SER C 71 -11.33 15.72 -1.53
C SER C 71 -12.46 16.14 -2.45
N LEU C 72 -12.20 16.03 -3.76
CA LEU C 72 -13.20 16.31 -4.80
C LEU C 72 -12.90 15.38 -5.97
N ALA C 73 -13.60 14.27 -6.04
CA ALA C 73 -13.26 13.24 -7.02
C ALA C 73 -14.30 13.26 -8.13
N VAL C 74 -14.00 13.96 -9.20
CA VAL C 74 -14.82 13.90 -10.40
C VAL C 74 -14.33 12.74 -11.24
N SER C 75 -15.23 11.81 -11.55
CA SER C 75 -14.86 10.62 -12.28
C SER C 75 -15.50 10.64 -13.65
N GLY C 76 -14.70 10.38 -14.67
CA GLY C 76 -15.17 10.23 -16.02
C GLY C 76 -15.59 8.80 -16.24
N LEU C 77 -14.92 8.14 -17.17
CA LEU C 77 -15.22 6.75 -17.44
C LEU C 77 -14.86 5.84 -16.28
N GLN C 78 -13.60 5.79 -15.88
CA GLN C 78 -13.26 4.79 -14.88
C GLN C 78 -12.18 5.29 -13.94
N SER C 79 -12.34 5.01 -12.66
CA SER C 79 -11.34 5.35 -11.66
C SER C 79 -11.49 4.36 -10.51
N GLU C 80 -10.62 3.37 -10.47
CA GLU C 80 -10.68 2.34 -9.45
C GLU C 80 -9.66 2.67 -8.38
N ASP C 81 -10.09 2.70 -7.12
CA ASP C 81 -9.19 3.06 -6.03
C ASP C 81 -9.48 2.19 -4.82
N GLU C 82 -8.52 1.34 -4.47
CA GLU C 82 -8.66 0.51 -3.29
C GLU C 82 -7.45 0.74 -2.40
N ALA C 83 -7.41 0.02 -1.29
CA ALA C 83 -6.27 0.05 -0.39
C ALA C 83 -6.24 -1.25 0.37
N ASP C 84 -5.12 -1.97 0.29
CA ASP C 84 -4.98 -3.24 0.97
C ASP C 84 -4.02 -3.09 2.14
N TYR C 85 -4.37 -3.71 3.25
CA TYR C 85 -3.51 -3.74 4.43
C TYR C 85 -3.91 -5.00 5.17
N TYR C 86 -3.17 -6.06 4.94
CA TYR C 86 -3.66 -7.39 5.30
C TYR C 86 -3.04 -7.91 6.57
N CYS C 87 -3.84 -8.70 7.29
CA CYS C 87 -3.40 -9.61 8.34
C CYS C 87 -2.74 -8.88 9.50
N ALA C 88 -3.11 -7.63 9.68
CA ALA C 88 -2.39 -6.72 10.54
C ALA C 88 -2.64 -7.04 12.00
N ALA C 89 -1.84 -6.42 12.86
CA ALA C 89 -1.97 -6.62 14.29
C ALA C 89 -1.40 -5.41 14.99
N TRP C 90 -2.26 -4.61 15.61
CA TRP C 90 -1.78 -3.51 16.43
C TRP C 90 -1.04 -4.04 17.65
N ASP C 91 -1.59 -5.06 18.31
CA ASP C 91 -0.89 -5.73 19.39
C ASP C 91 -1.48 -7.13 19.50
N ALA C 92 -0.79 -8.13 18.97
CA ALA C 92 -1.25 -9.50 19.03
C ALA C 92 -0.25 -10.36 19.80
N THR C 93 -0.76 -11.33 20.53
CA THR C 93 0.07 -12.30 21.23
C THR C 93 -0.65 -13.64 21.09
N LEU C 94 -0.11 -14.53 20.27
CA LEU C 94 -0.91 -15.66 19.83
C LEU C 94 -0.89 -16.80 20.81
N ASN C 95 0.25 -17.09 21.45
CA ASN C 95 0.31 -18.11 22.48
C ASN C 95 1.27 -17.63 23.56
N ALA C 96 1.12 -18.20 24.75
CA ALA C 96 1.97 -17.81 25.86
C ALA C 96 1.95 -18.88 26.95
N TRP C 97 2.93 -18.76 27.84
CA TRP C 97 3.09 -19.55 29.05
C TRP C 97 3.90 -18.70 30.00
N VAL C 98 3.49 -18.66 31.26
CA VAL C 98 4.28 -17.98 32.29
C VAL C 98 4.37 -18.94 33.47
N PHE C 99 5.47 -18.88 34.20
CA PHE C 99 5.62 -19.61 35.45
C PHE C 99 6.35 -18.69 36.41
N GLY C 100 6.10 -18.84 37.71
CA GLY C 100 6.78 -18.06 38.73
C GLY C 100 7.46 -18.98 39.75
N GLY C 101 8.69 -18.63 40.10
CA GLY C 101 9.38 -19.40 41.13
C GLY C 101 10.30 -18.63 42.06
N GLY C 102 10.03 -17.34 42.31
CA GLY C 102 10.98 -16.55 43.05
C GLY C 102 10.87 -16.67 44.57
N THR C 103 11.75 -17.46 45.17
CA THR C 103 11.70 -17.72 46.61
C THR C 103 12.17 -16.52 47.41
N GLY D 13 7.43 -27.43 21.40
CA GLY D 13 7.46 -27.57 19.96
C GLY D 13 6.35 -26.81 19.27
N GLN D 14 6.61 -25.56 18.94
CA GLN D 14 5.62 -24.70 18.31
C GLN D 14 5.71 -24.76 16.80
N ARG D 15 4.60 -24.46 16.15
CA ARG D 15 4.54 -24.39 14.70
C ARG D 15 3.77 -23.13 14.32
N VAL D 16 4.30 -22.36 13.39
CA VAL D 16 3.62 -21.19 12.86
C VAL D 16 3.69 -21.28 11.35
N THR D 17 2.55 -21.10 10.69
CA THR D 17 2.49 -21.20 9.23
C THR D 17 1.63 -20.07 8.70
N ILE D 18 2.28 -19.00 8.26
CA ILE D 18 1.54 -17.84 7.77
C ILE D 18 1.71 -17.73 6.27
N SER D 19 0.79 -18.32 5.53
CA SER D 19 0.88 -18.29 4.06
C SER D 19 0.05 -17.13 3.51
N CYS D 20 0.32 -15.94 3.99
CA CYS D 20 -0.51 -14.79 3.68
C CYS D 20 -0.20 -14.29 2.28
N SER D 21 -0.98 -14.76 1.31
CA SER D 21 -0.78 -14.44 -0.09
C SER D 21 -1.12 -12.99 -0.37
N GLY D 22 -0.63 -12.50 -1.50
CA GLY D 22 -0.63 -11.09 -1.77
C GLY D 22 -1.55 -10.63 -2.88
N ARG D 23 -0.96 -10.09 -3.95
CA ARG D 23 -1.70 -9.45 -5.02
C ARG D 23 -1.50 -10.25 -6.30
N SER D 24 -2.60 -10.78 -6.84
CA SER D 24 -2.61 -11.74 -7.96
C SER D 24 -1.69 -12.90 -7.66
N SER D 25 -2.04 -13.66 -6.63
CA SER D 25 -1.12 -14.59 -6.01
C SER D 25 -1.55 -16.04 -6.19
N ASN D 26 -0.56 -16.87 -6.54
CA ASN D 26 -0.69 -18.32 -6.70
C ASN D 26 -1.75 -18.68 -7.74
N ILE D 27 -1.69 -18.04 -8.88
CA ILE D 27 -2.82 -18.05 -9.78
C ILE D 27 -2.70 -19.20 -10.77
N GLY D 28 -3.81 -19.88 -10.99
CA GLY D 28 -3.79 -21.06 -11.83
C GLY D 28 -3.82 -20.76 -13.30
N ARG D 29 -4.91 -20.18 -13.78
CA ARG D 29 -5.12 -19.96 -15.19
C ARG D 29 -5.74 -18.59 -15.42
N ASN D 30 -5.17 -17.58 -14.78
CA ASN D 30 -5.75 -16.25 -14.76
C ASN D 30 -5.63 -15.57 -16.13
N LEU D 31 -6.60 -14.71 -16.42
CA LEU D 31 -6.64 -13.98 -17.67
C LEU D 31 -7.38 -12.68 -17.43
N VAL D 32 -6.87 -11.58 -17.96
CA VAL D 32 -7.56 -10.29 -17.90
C VAL D 32 -7.62 -9.77 -19.33
N LYS D 33 -8.69 -10.08 -20.04
CA LYS D 33 -8.90 -9.49 -21.35
C LYS D 33 -9.49 -8.10 -21.18
N TRP D 34 -8.86 -7.11 -21.79
CA TRP D 34 -9.37 -5.76 -21.75
C TRP D 34 -9.59 -5.28 -23.16
N TYR D 35 -10.46 -4.29 -23.31
CA TYR D 35 -10.60 -3.58 -24.56
C TYR D 35 -11.12 -2.19 -24.25
N GLN D 36 -10.82 -1.25 -25.13
CA GLN D 36 -11.37 0.10 -25.05
C GLN D 36 -11.31 0.70 -26.44
N GLN D 37 -12.46 0.96 -27.02
CA GLN D 37 -12.52 1.52 -28.35
C GLN D 37 -13.28 2.84 -28.30
N PHE D 38 -12.92 3.74 -29.20
CA PHE D 38 -13.49 5.07 -29.37
C PHE D 38 -13.56 6.00 -28.14
N PRO D 39 -12.55 6.16 -27.28
CA PRO D 39 -12.73 7.17 -26.23
C PRO D 39 -12.22 8.53 -26.66
N GLY D 40 -12.92 9.57 -26.23
CA GLY D 40 -12.46 10.92 -26.47
C GLY D 40 -12.47 11.65 -25.16
N THR D 41 -11.33 12.16 -24.73
CA THR D 41 -11.16 12.61 -23.36
C THR D 41 -10.57 14.00 -23.36
N ALA D 42 -11.11 14.92 -22.58
CA ALA D 42 -10.54 16.26 -22.46
C ALA D 42 -10.56 16.74 -21.01
N PRO D 43 -9.94 16.02 -20.09
CA PRO D 43 -10.07 16.37 -18.68
C PRO D 43 -9.09 17.49 -18.29
N LYS D 44 -9.62 18.70 -18.15
CA LYS D 44 -8.79 19.81 -17.71
C LYS D 44 -9.13 20.17 -16.27
N LEU D 45 -8.20 20.84 -15.60
CA LEU D 45 -8.41 21.32 -14.25
C LEU D 45 -7.90 22.75 -14.19
N LEU D 46 -8.70 23.64 -13.62
CA LEU D 46 -8.34 25.04 -13.51
C LEU D 46 -8.67 25.53 -12.11
N ILE D 47 -7.78 26.34 -11.55
CA ILE D 47 -7.93 26.80 -10.17
C ILE D 47 -7.66 28.29 -10.11
N TYR D 48 -8.57 29.05 -9.52
CA TYR D 48 -8.29 30.44 -9.21
C TYR D 48 -7.56 30.59 -7.88
N SER D 49 -7.95 29.82 -6.85
CA SER D 49 -7.27 29.85 -5.56
C SER D 49 -7.64 28.58 -4.81
N ASN D 50 -6.66 27.77 -4.44
CA ASN D 50 -6.92 26.56 -3.67
C ASN D 50 -5.69 26.25 -2.82
N ASP D 51 -5.72 26.63 -1.57
CA ASP D 51 -4.59 26.38 -0.68
C ASP D 51 -5.00 25.46 0.45
N GLN D 52 -4.74 24.17 0.28
CA GLN D 52 -4.79 23.24 1.38
C GLN D 52 -3.64 23.54 2.33
N ARG D 53 -3.81 23.19 3.59
CA ARG D 53 -2.73 23.38 4.57
C ARG D 53 -2.58 22.15 5.46
N PRO D 54 -2.49 20.95 4.89
CA PRO D 54 -2.62 19.76 5.72
C PRO D 54 -1.35 19.36 6.44
N SER D 55 -1.24 19.66 7.72
CA SER D 55 -0.01 19.41 8.47
C SER D 55 -0.27 18.31 9.49
N GLY D 56 -0.11 17.06 9.06
CA GLY D 56 -0.45 15.94 9.91
C GLY D 56 0.65 15.62 10.91
N VAL D 57 0.30 15.51 12.18
CA VAL D 57 1.29 15.17 13.19
C VAL D 57 0.88 13.87 13.88
N PRO D 58 1.26 12.71 13.37
CA PRO D 58 0.98 11.46 14.07
C PRO D 58 2.03 11.17 15.12
N ASP D 59 1.73 10.18 15.96
CA ASP D 59 2.72 9.66 16.89
C ASP D 59 3.05 8.20 16.60
N ARG D 60 2.08 7.31 16.67
CA ARG D 60 2.29 5.90 16.38
C ARG D 60 1.28 5.52 15.32
N PHE D 61 1.76 4.92 14.25
CA PHE D 61 0.89 4.79 13.10
C PHE D 61 1.21 3.50 12.38
N SER D 62 0.20 2.85 11.83
CA SER D 62 0.47 1.68 11.01
C SER D 62 -0.43 1.56 9.79
N GLY D 63 -1.30 2.52 9.51
CA GLY D 63 -2.36 2.30 8.56
C GLY D 63 -1.98 2.57 7.13
N SER D 64 -2.91 2.23 6.22
CA SER D 64 -2.56 2.10 4.81
C SER D 64 -2.41 3.46 4.12
N LYS D 65 -3.49 4.22 4.01
CA LYS D 65 -3.45 5.52 3.36
C LYS D 65 -3.46 6.56 4.48
N SER D 66 -2.27 6.91 4.93
CA SER D 66 -2.10 7.71 6.12
C SER D 66 -2.46 9.16 5.92
N GLY D 67 -2.63 9.59 4.69
CA GLY D 67 -2.56 10.99 4.39
C GLY D 67 -3.75 11.85 4.70
N THR D 68 -3.66 12.65 5.76
CA THR D 68 -4.56 13.76 5.94
C THR D 68 -4.22 14.74 4.83
N SER D 69 -5.00 14.73 3.75
CA SER D 69 -4.48 15.22 2.48
C SER D 69 -5.63 15.56 1.56
N ALA D 70 -5.97 16.84 1.46
CA ALA D 70 -7.11 17.21 0.65
C ALA D 70 -6.72 17.24 -0.82
N SER D 71 -7.06 16.18 -1.54
CA SER D 71 -6.67 16.03 -2.94
C SER D 71 -7.80 16.47 -3.86
N LEU D 72 -7.55 16.36 -5.16
CA LEU D 72 -8.54 16.66 -6.20
C LEU D 72 -8.25 15.74 -7.38
N ALA D 73 -8.96 14.63 -7.47
CA ALA D 73 -8.63 13.61 -8.44
C ALA D 73 -9.67 13.64 -9.55
N VAL D 74 -9.37 14.35 -10.62
CA VAL D 74 -10.18 14.30 -11.82
C VAL D 74 -9.70 13.14 -12.67
N SER D 75 -10.59 12.22 -12.99
CA SER D 75 -10.24 11.03 -13.73
C SER D 75 -10.88 11.07 -15.10
N GLY D 76 -10.08 10.81 -16.12
CA GLY D 76 -10.56 10.68 -17.46
C GLY D 76 -10.99 9.26 -17.70
N LEU D 77 -10.32 8.60 -18.64
CA LEU D 77 -10.62 7.21 -18.91
C LEU D 77 -10.28 6.30 -17.76
N GLN D 78 -9.01 6.23 -17.37
CA GLN D 78 -8.68 5.22 -16.37
C GLN D 78 -7.59 5.71 -15.44
N SER D 79 -7.76 5.41 -14.15
CA SER D 79 -6.75 5.74 -13.15
C SER D 79 -6.91 4.74 -12.01
N GLU D 80 -6.04 3.75 -11.98
CA GLU D 80 -6.10 2.72 -10.96
C GLU D 80 -5.08 3.03 -9.89
N ASP D 81 -5.51 3.06 -8.64
CA ASP D 81 -4.62 3.39 -7.55
C ASP D 81 -4.91 2.51 -6.35
N GLU D 82 -3.96 1.67 -5.99
CA GLU D 82 -4.09 0.82 -4.82
C GLU D 82 -2.89 1.03 -3.92
N ALA D 83 -2.86 0.30 -2.82
CA ALA D 83 -1.71 0.33 -1.93
C ALA D 83 -1.68 -0.99 -1.18
N ASP D 84 -0.57 -1.71 -1.26
CA ASP D 84 -0.44 -2.99 -0.59
C ASP D 84 0.53 -2.86 0.58
N TYR D 85 0.16 -3.48 1.68
CA TYR D 85 1.03 -3.51 2.85
C TYR D 85 0.62 -4.79 3.59
N TYR D 86 1.36 -5.86 3.35
CA TYR D 86 0.86 -7.18 3.70
C TYR D 86 1.47 -7.72 4.98
N CYS D 87 0.66 -8.50 5.69
CA CYS D 87 1.10 -9.42 6.73
C CYS D 87 1.76 -8.71 7.89
N ALA D 88 1.41 -7.46 8.08
CA ALA D 88 2.13 -6.55 8.95
C ALA D 88 1.87 -6.89 10.41
N ALA D 89 2.69 -6.28 11.27
CA ALA D 89 2.54 -6.50 12.70
C ALA D 89 3.14 -5.29 13.40
N TRP D 90 2.28 -4.49 14.04
CA TRP D 90 2.76 -3.41 14.87
C TRP D 90 3.51 -3.95 16.08
N ASP D 91 2.95 -4.96 16.73
CA ASP D 91 3.64 -5.65 17.81
C ASP D 91 3.04 -7.05 17.90
N ALA D 92 3.73 -8.04 17.36
CA ALA D 92 3.26 -9.42 17.42
C ALA D 92 4.26 -10.28 18.18
N THR D 93 3.73 -11.26 18.89
CA THR D 93 4.56 -12.25 19.60
C THR D 93 3.83 -13.57 19.45
N LEU D 94 4.37 -14.46 18.61
CA LEU D 94 3.56 -15.58 18.16
C LEU D 94 3.57 -16.74 19.15
N ASN D 95 4.71 -17.03 19.76
CA ASN D 95 4.78 -18.05 20.79
C ASN D 95 5.72 -17.60 21.88
N ALA D 96 5.57 -18.18 23.06
CA ALA D 96 6.42 -17.80 24.18
C ALA D 96 6.40 -18.87 25.25
N TRP D 97 7.38 -18.78 26.14
CA TRP D 97 7.54 -19.57 27.35
C TRP D 97 8.35 -18.74 28.31
N VAL D 98 7.95 -18.71 29.58
CA VAL D 98 8.74 -18.04 30.59
C VAL D 98 8.83 -19.01 31.77
N PHE D 99 9.93 -18.96 32.51
CA PHE D 99 10.07 -19.70 33.74
C PHE D 99 10.81 -18.78 34.72
N GLY D 100 10.55 -18.95 36.01
CA GLY D 100 11.25 -18.19 37.04
C GLY D 100 11.91 -19.11 38.05
N GLY D 101 13.15 -18.78 38.41
CA GLY D 101 13.84 -19.55 39.43
C GLY D 101 14.76 -18.79 40.37
N GLY D 102 14.50 -17.52 40.63
CA GLY D 102 15.45 -16.73 41.38
C GLY D 102 15.35 -16.86 42.89
N THR D 103 16.21 -17.67 43.48
CA THR D 103 16.17 -17.94 44.92
C THR D 103 16.64 -16.75 45.72
N GLY E 13 11.96 -27.48 19.55
CA GLY E 13 11.99 -27.60 18.11
C GLY E 13 10.88 -26.83 17.43
N GLN E 14 11.14 -25.58 17.10
CA GLN E 14 10.15 -24.71 16.50
C GLN E 14 10.24 -24.75 14.98
N ARG E 15 9.12 -24.46 14.33
CA ARG E 15 9.06 -24.37 12.88
C ARG E 15 8.29 -23.11 12.51
N VAL E 16 8.83 -22.32 11.60
CA VAL E 16 8.16 -21.14 11.08
C VAL E 16 8.21 -21.22 9.56
N THR E 17 7.08 -21.04 8.91
CA THR E 17 7.01 -21.13 7.45
C THR E 17 6.15 -19.99 6.92
N ILE E 18 6.80 -18.91 6.49
CA ILE E 18 6.07 -17.75 6.03
C ILE E 18 6.23 -17.63 4.53
N SER E 19 5.31 -18.21 3.77
CA SER E 19 5.40 -18.16 2.32
C SER E 19 4.56 -17.00 1.77
N CYS E 20 4.85 -15.80 2.27
CA CYS E 20 4.01 -14.66 1.96
C CYS E 20 4.32 -14.14 0.56
N SER E 21 3.53 -14.60 -0.40
CA SER E 21 3.74 -14.28 -1.79
C SER E 21 3.40 -12.82 -2.07
N GLY E 22 3.89 -12.32 -3.20
CA GLY E 22 3.89 -10.90 -3.45
C GLY E 22 2.97 -10.43 -4.55
N ARG E 23 3.55 -9.89 -5.61
CA ARG E 23 2.82 -9.23 -6.68
C ARG E 23 3.01 -10.02 -7.96
N SER E 24 1.91 -10.54 -8.51
CA SER E 24 1.90 -11.48 -9.64
C SER E 24 2.82 -12.66 -9.36
N SER E 25 2.47 -13.42 -8.33
CA SER E 25 3.38 -14.37 -7.72
C SER E 25 2.96 -15.81 -7.92
N ASN E 26 3.95 -16.64 -8.28
CA ASN E 26 3.81 -18.09 -8.45
C ASN E 26 2.75 -18.43 -9.49
N ILE E 27 2.81 -17.79 -10.62
CA ILE E 27 1.68 -17.78 -11.52
C ILE E 27 1.80 -18.92 -12.52
N GLY E 28 0.68 -19.60 -12.75
CA GLY E 28 0.70 -20.77 -13.59
C GLY E 28 0.67 -20.46 -15.06
N ARG E 29 -0.42 -19.87 -15.53
CA ARG E 29 -0.64 -19.64 -16.95
C ARG E 29 -1.25 -18.26 -17.16
N ASN E 30 -0.68 -17.26 -16.52
CA ASN E 30 -1.25 -15.93 -16.48
C ASN E 30 -1.14 -15.25 -17.84
N LEU E 31 -2.10 -14.38 -18.13
CA LEU E 31 -2.15 -13.64 -19.37
C LEU E 31 -2.88 -12.33 -19.12
N VAL E 32 -2.37 -11.23 -19.63
CA VAL E 32 -3.06 -9.94 -19.56
C VAL E 32 -3.11 -9.40 -20.99
N LYS E 33 -4.19 -9.71 -21.70
CA LYS E 33 -4.40 -9.10 -23.01
C LYS E 33 -4.99 -7.72 -22.81
N TRP E 34 -4.36 -6.72 -23.41
CA TRP E 34 -4.87 -5.37 -23.36
C TRP E 34 -5.09 -4.87 -24.78
N TYR E 35 -5.96 -3.88 -24.91
CA TYR E 35 -6.11 -3.15 -26.15
C TYR E 35 -6.63 -1.77 -25.83
N GLN E 36 -6.32 -0.82 -26.70
CA GLN E 36 -6.86 0.53 -26.60
C GLN E 36 -6.81 1.13 -27.99
N GLN E 37 -7.97 1.41 -28.56
CA GLN E 37 -8.02 1.98 -29.89
C GLN E 37 -8.78 3.29 -29.82
N PHE E 38 -8.41 4.21 -30.72
CA PHE E 38 -8.98 5.54 -30.87
C PHE E 38 -9.05 6.45 -29.63
N PRO E 39 -8.04 6.61 -28.77
CA PRO E 39 -8.22 7.61 -27.72
C PRO E 39 -7.71 8.97 -28.13
N GLY E 40 -8.41 10.01 -27.69
CA GLY E 40 -7.95 11.36 -27.91
C GLY E 40 -7.95 12.07 -26.60
N THR E 41 -6.81 12.59 -26.16
CA THR E 41 -6.64 13.02 -24.78
C THR E 41 -6.04 14.41 -24.79
N ALA E 42 -6.59 15.31 -23.98
CA ALA E 42 -6.00 16.65 -23.86
C ALA E 42 -6.03 17.13 -22.41
N PRO E 43 -5.40 16.38 -21.49
CA PRO E 43 -5.54 16.74 -20.08
C PRO E 43 -4.55 17.85 -19.69
N LYS E 44 -5.07 19.05 -19.53
CA LYS E 44 -4.24 20.15 -19.07
C LYS E 44 -4.59 20.51 -17.63
N LEU E 45 -3.65 21.16 -16.96
CA LEU E 45 -3.86 21.64 -15.60
C LEU E 45 -3.36 23.07 -15.53
N LEU E 46 -4.16 23.95 -14.94
CA LEU E 46 -3.79 25.35 -14.83
C LEU E 46 -4.11 25.82 -13.42
N ILE E 47 -3.23 26.63 -12.85
CA ILE E 47 -3.38 27.07 -11.47
C ILE E 47 -3.09 28.56 -11.39
N TYR E 48 -4.01 29.32 -10.79
CA TYR E 48 -3.73 30.70 -10.47
C TYR E 48 -3.00 30.84 -9.14
N SER E 49 -3.39 30.07 -8.12
CA SER E 49 -2.70 30.07 -6.84
C SER E 49 -3.08 28.80 -6.09
N ASN E 50 -2.09 27.98 -5.73
CA ASN E 50 -2.35 26.76 -4.97
C ASN E 50 -1.12 26.46 -4.13
N ASP E 51 -1.16 26.81 -2.87
CA ASP E 51 -0.02 26.56 -1.99
C ASP E 51 -0.44 25.62 -0.86
N GLN E 52 -0.18 24.34 -1.05
CA GLN E 52 -0.22 23.40 0.05
C GLN E 52 0.93 23.69 0.99
N ARG E 53 0.76 23.33 2.26
CA ARG E 53 1.84 23.50 3.24
C ARG E 53 2.00 22.27 4.10
N PRO E 54 2.09 21.07 3.52
CA PRO E 54 1.95 19.87 4.34
C PRO E 54 3.22 19.47 5.06
N SER E 55 3.34 19.75 6.34
CA SER E 55 4.57 19.49 7.09
C SER E 55 4.31 18.38 8.09
N GLY E 56 4.46 17.14 7.66
CA GLY E 56 4.12 16.01 8.50
C GLY E 56 5.22 15.69 9.48
N VAL E 57 4.86 15.57 10.76
CA VAL E 57 5.87 15.21 11.76
C VAL E 57 5.46 13.90 12.44
N PRO E 58 5.83 12.75 11.92
CA PRO E 58 5.55 11.49 12.62
C PRO E 58 6.60 11.19 13.66
N ASP E 59 6.31 10.19 14.49
CA ASP E 59 7.30 9.66 15.41
C ASP E 59 7.62 8.21 15.11
N ARG E 60 6.65 7.31 15.17
CA ARG E 60 6.85 5.90 14.86
C ARG E 60 5.85 5.54 13.79
N PHE E 61 6.31 4.94 12.71
CA PHE E 61 5.45 4.84 11.56
C PHE E 61 5.77 3.55 10.83
N SER E 62 4.76 2.90 10.29
CA SER E 62 5.02 1.75 9.45
C SER E 62 4.12 1.62 8.24
N GLY E 63 3.25 2.59 7.97
CA GLY E 63 2.18 2.39 7.02
C GLY E 63 2.56 2.67 5.59
N SER E 64 1.65 2.33 4.68
CA SER E 64 1.99 2.23 3.27
C SER E 64 2.13 3.59 2.59
N LYS E 65 1.05 4.35 2.48
CA LYS E 65 1.10 5.67 1.85
C LYS E 65 1.10 6.68 2.97
N SER E 66 2.29 7.04 3.43
CA SER E 66 2.46 7.82 4.63
C SER E 66 2.10 9.28 4.44
N GLY E 67 1.92 9.71 3.20
CA GLY E 67 2.00 11.12 2.93
C GLY E 67 0.80 11.98 3.25
N THR E 68 0.90 12.76 4.32
CA THR E 68 0.00 13.88 4.51
C THR E 68 0.34 14.86 3.41
N SER E 69 -0.44 14.86 2.33
CA SER E 69 0.08 15.37 1.07
C SER E 69 -1.08 15.71 0.14
N ALA E 70 -1.41 16.99 0.06
CA ALA E 70 -2.55 17.38 -0.75
C ALA E 70 -2.17 17.42 -2.21
N SER E 71 -2.50 16.36 -2.95
CA SER E 71 -2.11 16.23 -4.34
C SER E 71 -3.25 16.68 -5.26
N LEU E 72 -3.00 16.58 -6.56
CA LEU E 72 -3.99 16.89 -7.59
C LEU E 72 -3.70 15.98 -8.78
N ALA E 73 -4.41 14.88 -8.88
CA ALA E 73 -4.08 13.87 -9.88
C ALA E 73 -5.13 13.91 -10.98
N VAL E 74 -4.82 14.63 -12.04
CA VAL E 74 -5.64 14.60 -13.24
C VAL E 74 -5.16 13.44 -14.09
N SER E 75 -6.06 12.53 -14.42
CA SER E 75 -5.70 11.35 -15.18
C SER E 75 -6.34 11.40 -16.55
N GLY E 76 -5.55 11.15 -17.57
CA GLY E 76 -6.03 11.03 -18.92
C GLY E 76 -6.47 9.61 -19.17
N LEU E 77 -5.79 8.97 -20.10
CA LEU E 77 -6.10 7.58 -20.40
C LEU E 77 -5.75 6.65 -19.26
N GLN E 78 -4.49 6.58 -18.87
CA GLN E 78 -4.16 5.55 -17.88
C GLN E 78 -3.07 6.04 -16.94
N SER E 79 -3.23 5.73 -15.66
CA SER E 79 -2.23 6.05 -14.66
C SER E 79 -2.38 5.04 -13.53
N GLU E 80 -1.52 4.04 -13.50
CA GLU E 80 -1.58 3.00 -12.50
C GLU E 80 -0.55 3.30 -11.42
N ASP E 81 -0.99 3.31 -10.17
CA ASP E 81 -0.09 3.65 -9.08
C ASP E 81 -0.38 2.75 -7.89
N GLU E 82 0.57 1.89 -7.54
CA GLU E 82 0.44 1.04 -6.38
C GLU E 82 1.64 1.24 -5.49
N ALA E 83 1.68 0.50 -4.39
CA ALA E 83 2.82 0.51 -3.49
C ALA E 83 2.85 -0.81 -2.76
N ASP E 84 3.96 -1.52 -2.84
CA ASP E 84 4.10 -2.81 -2.19
C ASP E 84 5.06 -2.70 -1.03
N TYR E 85 4.70 -3.32 0.08
CA TYR E 85 5.56 -3.38 1.25
C TYR E 85 5.16 -4.67 1.97
N TYR E 86 5.89 -5.73 1.73
CA TYR E 86 5.39 -7.05 2.06
C TYR E 86 6.01 -7.60 3.32
N CYS E 87 5.20 -8.38 4.04
CA CYS E 87 5.63 -9.33 5.07
C CYS E 87 6.30 -8.62 6.22
N ALA E 88 5.94 -7.37 6.43
CA ALA E 88 6.67 -6.47 7.32
C ALA E 88 6.42 -6.82 8.76
N ALA E 89 7.23 -6.23 9.63
CA ALA E 89 7.10 -6.46 11.06
C ALA E 89 7.68 -5.25 11.78
N TRP E 90 6.83 -4.46 12.42
CA TRP E 90 7.31 -3.38 13.26
C TRP E 90 8.05 -3.94 14.46
N ASP E 91 7.50 -4.97 15.10
CA ASP E 91 8.20 -5.66 16.18
C ASP E 91 7.59 -7.06 16.26
N ALA E 92 8.28 -8.05 15.71
CA ALA E 92 7.81 -9.42 15.75
C ALA E 92 8.80 -10.29 16.50
N THR E 93 8.29 -11.29 17.21
CA THR E 93 9.11 -12.27 17.89
C THR E 93 8.38 -13.60 17.74
N LEU E 94 8.91 -14.47 16.90
CA LEU E 94 8.10 -15.59 16.43
C LEU E 94 8.11 -16.76 17.41
N ASN E 95 9.25 -17.06 18.02
CA ASN E 95 9.31 -18.10 19.04
C ASN E 95 10.27 -17.66 20.14
N ALA E 96 10.11 -18.24 21.31
CA ALA E 96 10.96 -17.88 22.43
C ALA E 96 10.95 -18.96 23.49
N TRP E 97 11.93 -18.88 24.38
CA TRP E 97 12.09 -19.68 25.57
C TRP E 97 12.90 -18.85 26.54
N VAL E 98 12.50 -18.83 27.80
CA VAL E 98 13.29 -18.18 28.84
C VAL E 98 13.38 -19.16 30.00
N PHE E 99 14.48 -19.12 30.74
CA PHE E 99 14.62 -19.86 31.97
C PHE E 99 15.36 -18.97 32.94
N GLY E 100 15.11 -19.14 34.24
CA GLY E 100 15.80 -18.39 35.27
C GLY E 100 16.48 -19.33 36.27
N GLY E 101 17.72 -19.00 36.64
CA GLY E 101 18.40 -19.79 37.65
C GLY E 101 19.32 -19.04 38.59
N GLY E 102 19.06 -17.77 38.87
CA GLY E 102 20.02 -16.99 39.63
C GLY E 102 19.92 -17.13 41.13
N THR E 103 20.79 -17.95 41.72
CA THR E 103 20.74 -18.23 43.15
C THR E 103 21.22 -17.04 43.97
N GLY F 13 16.34 -27.46 17.69
CA GLY F 13 16.37 -27.57 16.24
C GLY F 13 15.26 -26.79 15.57
N GLN F 14 15.53 -25.53 15.26
CA GLN F 14 14.55 -24.65 14.65
C GLN F 14 14.64 -24.68 13.14
N ARG F 15 13.52 -24.38 12.50
CA ARG F 15 13.46 -24.27 11.04
C ARG F 15 12.70 -23.01 10.70
N VAL F 16 13.24 -22.22 9.78
CA VAL F 16 12.58 -21.03 9.27
C VAL F 16 12.64 -21.08 7.75
N THR F 17 11.50 -20.89 7.10
CA THR F 17 11.44 -20.98 5.64
C THR F 17 10.58 -19.82 5.13
N ILE F 18 11.24 -18.75 4.70
CA ILE F 18 10.51 -17.57 4.25
C ILE F 18 10.68 -17.44 2.75
N SER F 19 9.76 -18.01 1.99
CA SER F 19 9.84 -17.95 0.54
C SER F 19 9.02 -16.78 0.00
N CYS F 20 9.31 -15.59 0.50
CA CYS F 20 8.47 -14.44 0.21
C CYS F 20 8.79 -13.91 -1.19
N SER F 21 8.00 -14.36 -2.16
CA SER F 21 8.21 -14.03 -3.55
C SER F 21 7.88 -12.56 -3.81
N GLY F 22 8.37 -12.06 -4.93
CA GLY F 22 8.37 -10.63 -5.17
C GLY F 22 7.46 -10.15 -6.26
N ARG F 23 8.05 -9.60 -7.33
CA ARG F 23 7.32 -8.93 -8.39
C ARG F 23 7.51 -9.71 -9.68
N SER F 24 6.41 -10.22 -10.24
CA SER F 24 6.38 -11.15 -11.36
C SER F 24 7.30 -12.33 -11.09
N SER F 25 6.95 -13.11 -10.07
CA SER F 25 7.86 -14.05 -9.47
C SER F 25 7.42 -15.50 -9.68
N ASN F 26 8.40 -16.33 -10.05
CA ASN F 26 8.26 -17.78 -10.24
C ASN F 26 7.20 -18.11 -11.28
N ILE F 27 7.27 -17.45 -12.40
CA ILE F 27 6.13 -17.42 -13.30
C ILE F 27 6.24 -18.56 -14.31
N GLY F 28 5.12 -19.23 -14.55
CA GLY F 28 5.13 -20.40 -15.40
C GLY F 28 5.11 -20.07 -16.88
N ARG F 29 4.01 -19.47 -17.34
CA ARG F 29 3.81 -19.23 -18.75
C ARG F 29 3.19 -17.85 -18.94
N ASN F 30 3.78 -16.85 -18.30
CA ASN F 30 3.22 -15.51 -18.25
C ASN F 30 3.33 -14.83 -19.60
N LEU F 31 2.37 -13.94 -19.88
CA LEU F 31 2.34 -13.19 -21.12
C LEU F 31 1.60 -11.89 -20.85
N VAL F 32 2.13 -10.78 -21.35
CA VAL F 32 1.44 -9.49 -21.28
C VAL F 32 1.39 -8.94 -22.70
N LYS F 33 0.31 -9.23 -23.41
CA LYS F 33 0.11 -8.62 -24.71
C LYS F 33 -0.48 -7.23 -24.51
N TRP F 34 0.17 -6.24 -25.10
CA TRP F 34 -0.34 -4.88 -25.04
C TRP F 34 -0.55 -4.36 -26.45
N TYR F 35 -1.42 -3.37 -26.58
CA TYR F 35 -1.55 -2.63 -27.81
C TYR F 35 -2.07 -1.25 -27.48
N GLN F 36 -1.76 -0.28 -28.33
CA GLN F 36 -2.29 1.06 -28.23
C GLN F 36 -2.24 1.68 -29.61
N GLN F 37 -3.39 1.96 -30.18
CA GLN F 37 -3.44 2.55 -31.51
C GLN F 37 -4.19 3.87 -31.43
N PHE F 38 -3.83 4.79 -32.31
CA PHE F 38 -4.38 6.12 -32.45
C PHE F 38 -4.44 7.02 -31.21
N PRO F 39 -3.43 7.17 -30.34
CA PRO F 39 -3.59 8.16 -29.28
C PRO F 39 -3.09 9.52 -29.69
N GLY F 40 -3.78 10.56 -29.24
CA GLY F 40 -3.31 11.91 -29.45
C GLY F 40 -3.31 12.61 -28.12
N THR F 41 -2.16 13.11 -27.68
CA THR F 41 -2.00 13.53 -26.31
C THR F 41 -1.38 14.92 -26.30
N ALA F 42 -1.93 15.82 -25.49
CA ALA F 42 -1.34 17.16 -25.35
C ALA F 42 -1.36 17.61 -23.90
N PRO F 43 -0.75 16.87 -22.98
CA PRO F 43 -0.87 17.21 -21.57
C PRO F 43 0.13 18.30 -21.16
N LYS F 44 -0.39 19.51 -20.99
CA LYS F 44 0.44 20.60 -20.53
C LYS F 44 0.10 20.94 -19.09
N LEU F 45 1.04 21.59 -18.41
CA LEU F 45 0.84 22.06 -17.04
C LEU F 45 1.34 23.49 -16.96
N LEU F 46 0.55 24.37 -16.37
CA LEU F 46 0.93 25.77 -16.24
C LEU F 46 0.61 26.22 -14.83
N ILE F 47 1.50 27.02 -14.25
CA ILE F 47 1.35 27.45 -12.87
C ILE F 47 1.64 28.94 -12.78
N TYR F 48 0.73 29.70 -12.17
CA TYR F 48 1.02 31.08 -11.84
C TYR F 48 1.75 31.19 -10.51
N SER F 49 1.36 30.42 -9.50
CA SER F 49 2.05 30.41 -8.21
C SER F 49 1.66 29.13 -7.48
N ASN F 50 2.64 28.31 -7.13
CA ASN F 50 2.37 27.08 -6.37
C ASN F 50 3.60 26.76 -5.54
N ASP F 51 3.57 27.11 -4.26
CA ASP F 51 4.70 26.83 -3.39
C ASP F 51 4.28 25.90 -2.28
N GLN F 52 4.54 24.61 -2.48
CA GLN F 52 4.48 23.66 -1.38
C GLN F 52 5.63 23.93 -0.43
N ARG F 53 5.47 23.56 0.82
CA ARG F 53 6.55 23.72 1.81
C ARG F 53 6.70 22.48 2.67
N PRO F 54 6.77 21.29 2.08
CA PRO F 54 6.63 20.09 2.89
C PRO F 54 7.90 19.66 3.59
N SER F 55 8.02 19.94 4.89
CA SER F 55 9.24 19.67 5.63
C SER F 55 8.97 18.55 6.63
N GLY F 56 9.12 17.30 6.17
CA GLY F 56 8.77 16.17 7.00
C GLY F 56 9.88 15.83 7.99
N VAL F 57 9.51 15.70 9.26
CA VAL F 57 10.51 15.34 10.27
C VAL F 57 10.10 14.03 10.92
N PRO F 58 10.46 12.87 10.39
CA PRO F 58 10.16 11.62 11.08
C PRO F 58 11.22 11.29 12.12
N ASP F 59 10.92 10.29 12.93
CA ASP F 59 11.90 9.74 13.86
C ASP F 59 12.23 8.29 13.55
N ARG F 60 11.25 7.41 13.60
CA ARG F 60 11.44 6.00 13.28
C ARG F 60 10.43 5.64 12.21
N PHE F 61 10.90 5.06 11.13
CA PHE F 61 10.03 4.96 9.98
C PHE F 61 10.35 3.68 9.24
N SER F 62 9.33 3.05 8.68
CA SER F 62 9.59 1.89 7.84
C SER F 62 8.69 1.80 6.62
N GLY F 63 7.82 2.77 6.36
CA GLY F 63 6.75 2.58 5.41
C GLY F 63 7.13 2.87 3.98
N SER F 64 6.22 2.55 3.07
CA SER F 64 6.57 2.45 1.65
C SER F 64 6.71 3.82 0.99
N LYS F 65 5.64 4.58 0.89
CA LYS F 65 5.69 5.90 0.27
C LYS F 65 5.69 6.90 1.40
N SER F 66 6.88 7.25 1.86
CA SER F 66 7.06 8.03 3.07
C SER F 66 6.72 9.49 2.89
N GLY F 67 6.54 9.93 1.66
CA GLY F 67 6.62 11.34 1.40
C GLY F 67 5.44 12.21 1.72
N THR F 68 5.54 12.98 2.80
CA THR F 68 4.64 14.10 3.00
C THR F 68 4.99 15.09 1.90
N SER F 69 4.21 15.10 0.83
CA SER F 69 4.74 15.62 -0.44
C SER F 69 3.58 15.98 -1.36
N ALA F 70 3.25 17.26 -1.43
CA ALA F 70 2.11 17.66 -2.24
C ALA F 70 2.50 17.71 -3.70
N SER F 71 2.16 16.67 -4.44
CA SER F 71 2.54 16.54 -5.84
C SER F 71 1.41 17.01 -6.75
N LEU F 72 1.66 16.93 -8.05
CA LEU F 72 0.68 17.25 -9.09
C LEU F 72 0.95 16.34 -10.28
N ALA F 73 0.24 15.24 -10.39
CA ALA F 73 0.56 14.24 -11.39
C ALA F 73 -0.48 14.30 -12.48
N VAL F 74 -0.17 15.02 -13.55
CA VAL F 74 -0.99 15.01 -14.75
C VAL F 74 -0.51 13.86 -15.61
N SER F 75 -1.42 12.96 -15.95
CA SER F 75 -1.07 11.77 -16.71
C SER F 75 -1.72 11.84 -18.09
N GLY F 76 -0.92 11.60 -19.10
CA GLY F 76 -1.40 11.49 -20.45
C GLY F 76 -1.84 10.08 -20.71
N LEU F 77 -1.17 9.44 -21.66
CA LEU F 77 -1.48 8.05 -21.97
C LEU F 77 -1.15 7.11 -20.83
N GLN F 78 0.12 7.02 -20.44
CA GLN F 78 0.44 6.00 -19.46
C GLN F 78 1.53 6.46 -18.51
N SER F 79 1.36 6.14 -17.24
CA SER F 79 2.37 6.45 -16.23
C SER F 79 2.21 5.43 -15.11
N GLU F 80 3.08 4.43 -15.10
CA GLU F 80 3.00 3.38 -14.11
C GLU F 80 4.03 3.66 -13.03
N ASP F 81 3.59 3.67 -11.77
CA ASP F 81 4.49 3.98 -10.67
C ASP F 81 4.20 3.08 -9.49
N GLU F 82 5.15 2.21 -9.16
CA GLU F 82 5.01 1.34 -8.00
C GLU F 82 6.21 1.54 -7.10
N ALA F 83 6.24 0.79 -6.01
CA ALA F 83 7.39 0.79 -5.11
C ALA F 83 7.40 -0.54 -4.40
N ASP F 84 8.51 -1.26 -4.49
CA ASP F 84 8.64 -2.56 -3.84
C ASP F 84 9.60 -2.45 -2.67
N TYR F 85 9.24 -3.09 -1.58
CA TYR F 85 10.10 -3.16 -0.41
C TYR F 85 9.68 -4.45 0.30
N TYR F 86 10.41 -5.52 0.04
CA TYR F 86 9.90 -6.84 0.36
C TYR F 86 10.52 -7.40 1.63
N CYS F 87 9.71 -8.20 2.34
CA CYS F 87 10.12 -9.14 3.36
C CYS F 87 10.81 -8.46 4.53
N ALA F 88 10.45 -7.20 4.74
CA ALA F 88 11.19 -6.32 5.62
C ALA F 88 10.93 -6.67 7.08
N ALA F 89 11.74 -6.09 7.95
CA ALA F 89 11.60 -6.34 9.38
C ALA F 89 12.20 -5.15 10.10
N TRP F 90 11.35 -4.35 10.74
CA TRP F 90 11.84 -3.28 11.61
C TRP F 90 12.58 -3.85 12.80
N ASP F 91 12.03 -4.88 13.43
CA ASP F 91 12.72 -5.59 14.49
C ASP F 91 12.10 -6.99 14.57
N ALA F 92 12.78 -7.97 14.01
CA ALA F 92 12.30 -9.35 14.04
C ALA F 92 13.29 -10.22 14.78
N THR F 93 12.77 -11.22 15.48
CA THR F 93 13.58 -12.23 16.16
C THR F 93 12.85 -13.54 15.98
N LEU F 94 13.37 -14.41 15.15
CA LEU F 94 12.56 -15.52 14.67
C LEU F 94 12.56 -16.69 15.63
N ASN F 95 13.69 -17.01 16.24
CA ASN F 95 13.75 -18.05 17.25
C ASN F 95 14.71 -17.63 18.35
N ALA F 96 14.56 -18.23 19.52
CA ALA F 96 15.41 -17.88 20.64
C ALA F 96 15.38 -18.97 21.70
N TRP F 97 16.37 -18.89 22.58
CA TRP F 97 16.52 -19.72 23.77
C TRP F 97 17.33 -18.90 24.75
N VAL F 98 16.94 -18.89 26.02
CA VAL F 98 17.73 -18.25 27.05
C VAL F 98 17.81 -19.24 28.21
N PHE F 99 18.90 -19.21 28.94
CA PHE F 99 19.05 -19.97 30.17
C PHE F 99 19.80 -19.08 31.16
N GLY F 100 19.54 -19.26 32.44
CA GLY F 100 20.23 -18.53 33.49
C GLY F 100 20.90 -19.48 34.48
N GLY F 101 22.14 -19.16 34.85
CA GLY F 101 22.82 -19.95 35.85
C GLY F 101 23.75 -19.22 36.80
N GLY F 102 23.50 -17.95 37.08
CA GLY F 102 24.47 -17.18 37.85
C GLY F 102 24.35 -17.34 39.35
N THR F 103 25.23 -18.17 39.94
CA THR F 103 25.17 -18.46 41.36
C THR F 103 25.66 -17.29 42.19
N GLY G 13 20.64 -27.47 15.88
CA GLY G 13 20.67 -27.56 14.43
C GLY G 13 19.57 -26.77 13.76
N GLN G 14 19.84 -25.52 13.46
CA GLN G 14 18.87 -24.63 12.87
C GLN G 14 18.96 -24.65 11.34
N ARG G 15 17.84 -24.33 10.71
CA ARG G 15 17.79 -24.20 9.25
C ARG G 15 17.05 -22.94 8.91
N VAL G 16 17.59 -22.14 8.00
CA VAL G 16 16.93 -20.94 7.50
C VAL G 16 16.99 -20.99 5.99
N THR G 17 15.87 -20.78 5.33
CA THR G 17 15.80 -20.86 3.87
C THR G 17 14.96 -19.69 3.36
N ILE G 18 15.61 -18.62 2.95
CA ILE G 18 14.90 -17.44 2.51
C ILE G 18 15.07 -17.29 1.01
N SER G 19 14.14 -17.84 0.24
CA SER G 19 14.23 -17.77 -1.21
C SER G 19 13.42 -16.60 -1.74
N CYS G 20 13.71 -15.41 -1.23
CA CYS G 20 12.89 -14.24 -1.51
C CYS G 20 13.22 -13.71 -2.90
N SER G 21 12.42 -14.14 -3.87
CA SER G 21 12.64 -13.80 -5.27
C SER G 21 12.32 -12.34 -5.51
N GLY G 22 12.81 -11.82 -6.62
CA GLY G 22 12.83 -10.40 -6.85
C GLY G 22 11.92 -9.89 -7.95
N ARG G 23 12.51 -9.34 -9.00
CA ARG G 23 11.79 -8.66 -10.07
C ARG G 23 11.98 -9.43 -11.36
N SER G 24 10.87 -9.93 -11.92
CA SER G 24 10.85 -10.85 -13.05
C SER G 24 11.76 -12.05 -12.79
N SER G 25 11.39 -12.81 -11.79
CA SER G 25 12.30 -13.77 -11.18
C SER G 25 11.86 -15.22 -11.41
N ASN G 26 12.83 -16.05 -11.79
CA ASN G 26 12.68 -17.50 -11.98
C ASN G 26 11.62 -17.81 -13.03
N ILE G 27 11.69 -17.14 -14.15
CA ILE G 27 10.55 -17.11 -15.04
C ILE G 27 10.67 -18.24 -16.07
N GLY G 28 9.55 -18.89 -16.32
CA GLY G 28 9.55 -20.05 -17.18
C GLY G 28 9.53 -19.71 -18.65
N ARG G 29 8.45 -19.10 -19.11
CA ARG G 29 8.24 -18.84 -20.52
C ARG G 29 7.63 -17.45 -20.70
N ASN G 30 8.22 -16.46 -20.04
CA ASN G 30 7.66 -15.13 -19.99
C ASN G 30 7.79 -14.43 -21.33
N LEU G 31 6.83 -13.54 -21.60
CA LEU G 31 6.80 -12.77 -22.84
C LEU G 31 6.08 -11.47 -22.56
N VAL G 32 6.62 -10.37 -23.06
CA VAL G 32 5.94 -9.07 -22.97
C VAL G 32 5.89 -8.51 -24.38
N LYS G 33 4.82 -8.79 -25.10
CA LYS G 33 4.61 -8.16 -26.40
C LYS G 33 4.04 -6.77 -26.18
N TRP G 34 4.69 -5.77 -26.76
CA TRP G 34 4.19 -4.41 -26.69
C TRP G 34 3.99 -3.89 -28.10
N TYR G 35 3.12 -2.88 -28.22
CA TYR G 35 2.99 -2.14 -29.45
C TYR G 35 2.49 -0.75 -29.10
N GLN G 36 2.81 0.21 -29.95
CA GLN G 36 2.28 1.57 -29.83
C GLN G 36 2.35 2.19 -31.21
N GLN G 37 1.19 2.49 -31.78
CA GLN G 37 1.14 3.09 -33.10
C GLN G 37 0.41 4.41 -33.01
N PHE G 38 0.78 5.34 -33.89
CA PHE G 38 0.24 6.68 -34.01
C PHE G 38 0.17 7.57 -32.77
N PRO G 39 1.18 7.69 -31.89
CA PRO G 39 1.02 8.68 -30.83
C PRO G 39 1.55 10.05 -31.22
N GLY G 40 0.86 11.08 -30.75
CA GLY G 40 1.34 12.43 -30.96
C GLY G 40 1.33 13.12 -29.62
N THR G 41 2.48 13.60 -29.18
CA THR G 41 2.65 14.02 -27.80
C THR G 41 3.27 15.40 -27.77
N ALA G 42 2.73 16.30 -26.96
CA ALA G 42 3.32 17.63 -26.81
C ALA G 42 3.31 18.08 -25.34
N PRO G 43 3.91 17.32 -24.44
CA PRO G 43 3.79 17.65 -23.02
C PRO G 43 4.78 18.73 -22.60
N LYS G 44 4.28 19.94 -22.43
CA LYS G 44 5.11 21.03 -21.95
C LYS G 44 4.78 21.36 -20.51
N LEU G 45 5.71 21.99 -19.83
CA LEU G 45 5.51 22.45 -18.46
C LEU G 45 6.03 23.87 -18.35
N LEU G 46 5.24 24.75 -17.76
CA LEU G 46 5.63 26.14 -17.62
C LEU G 46 5.31 26.58 -16.21
N ILE G 47 6.19 27.37 -15.62
CA ILE G 47 6.05 27.80 -14.22
C ILE G 47 6.35 29.28 -14.13
N TYR G 48 5.44 30.04 -13.52
CA TYR G 48 5.75 31.42 -13.17
C TYR G 48 6.47 31.51 -11.83
N SER G 49 6.06 30.73 -10.84
CA SER G 49 6.76 30.71 -9.55
C SER G 49 6.36 29.42 -8.83
N ASN G 50 7.33 28.59 -8.47
CA ASN G 50 7.05 27.37 -7.73
C ASN G 50 8.28 27.02 -6.89
N ASP G 51 8.25 27.36 -5.63
CA ASP G 51 9.37 27.08 -4.75
C ASP G 51 8.95 26.13 -3.65
N GLN G 52 9.19 24.84 -3.86
CA GLN G 52 9.13 23.89 -2.77
C GLN G 52 10.28 24.14 -1.82
N ARG G 53 10.11 23.76 -0.56
CA ARG G 53 11.19 23.91 0.42
C ARG G 53 11.33 22.66 1.28
N PRO G 54 11.40 21.48 0.66
CA PRO G 54 11.25 20.26 1.47
C PRO G 54 12.51 19.82 2.18
N SER G 55 12.62 20.09 3.47
CA SER G 55 13.85 19.80 4.21
C SER G 55 13.58 18.68 5.20
N GLY G 56 13.71 17.44 4.74
CA GLY G 56 13.36 16.29 5.56
C GLY G 56 14.45 15.95 6.54
N VAL G 57 14.10 15.80 7.81
CA VAL G 57 15.08 15.41 8.82
C VAL G 57 14.66 14.11 9.47
N PRO G 58 15.02 12.95 8.92
CA PRO G 58 14.72 11.69 9.60
C PRO G 58 15.77 11.35 10.64
N ASP G 59 15.45 10.35 11.45
CA ASP G 59 16.43 9.80 12.37
C ASP G 59 16.75 8.34 12.04
N ARG G 60 15.76 7.46 12.08
CA ARG G 60 15.95 6.05 11.75
C ARG G 60 14.95 5.71 10.68
N PHE G 61 15.41 5.13 9.59
CA PHE G 61 14.54 5.06 8.43
C PHE G 61 14.85 3.77 7.68
N SER G 62 13.83 3.15 7.12
CA SER G 62 14.09 2.01 6.27
C SER G 62 13.19 1.92 5.05
N GLY G 63 12.33 2.91 4.80
CA GLY G 63 11.27 2.73 3.84
C GLY G 63 11.65 3.03 2.41
N SER G 64 10.73 2.72 1.50
CA SER G 64 11.08 2.64 0.08
C SER G 64 11.24 4.02 -0.57
N LYS G 65 10.17 4.78 -0.66
CA LYS G 65 10.24 6.10 -1.27
C LYS G 65 10.24 7.10 -0.13
N SER G 66 11.43 7.43 0.33
CA SER G 66 11.61 8.20 1.54
C SER G 66 11.26 9.66 1.38
N GLY G 67 11.10 10.12 0.15
CA GLY G 67 11.20 11.54 -0.10
C GLY G 67 10.00 12.39 0.23
N THR G 68 10.11 13.16 1.31
CA THR G 68 9.22 14.29 1.52
C THR G 68 9.58 15.29 0.45
N SER G 69 8.80 15.31 -0.64
CA SER G 69 9.34 15.83 -1.89
C SER G 69 8.18 16.22 -2.82
N ALA G 70 7.87 17.50 -2.88
CA ALA G 70 6.73 17.91 -3.69
C ALA G 70 7.12 17.97 -5.15
N SER G 71 6.77 16.93 -5.90
CA SER G 71 7.16 16.82 -7.29
C SER G 71 6.04 17.30 -8.20
N LEU G 72 6.29 17.23 -9.51
CA LEU G 72 5.30 17.56 -10.54
C LEU G 72 5.58 16.67 -11.73
N ALA G 73 4.86 15.57 -11.86
CA ALA G 73 5.18 14.58 -12.86
C ALA G 73 4.14 14.65 -13.97
N VAL G 74 4.46 15.39 -15.02
CA VAL G 74 3.64 15.38 -16.23
C VAL G 74 4.10 14.23 -17.10
N SER G 75 3.20 13.34 -17.44
CA SER G 75 3.55 12.18 -18.22
C SER G 75 2.90 12.25 -19.59
N GLY G 76 3.70 12.01 -20.61
CA GLY G 76 3.22 11.93 -21.96
C GLY G 76 2.77 10.51 -22.24
N LEU G 77 3.44 9.87 -23.19
CA LEU G 77 3.11 8.50 -23.51
C LEU G 77 3.45 7.54 -22.37
N GLN G 78 4.71 7.45 -21.98
CA GLN G 78 5.02 6.41 -21.01
C GLN G 78 6.12 6.86 -20.06
N SER G 79 5.95 6.53 -18.80
CA SER G 79 6.95 6.82 -17.78
C SER G 79 6.78 5.79 -16.66
N GLU G 80 7.63 4.79 -16.66
CA GLU G 80 7.56 3.72 -15.68
C GLU G 80 8.58 3.99 -14.59
N ASP G 81 8.14 3.98 -13.34
CA ASP G 81 9.04 4.29 -12.24
C ASP G 81 8.75 3.38 -11.06
N GLU G 82 9.68 2.50 -10.73
CA GLU G 82 9.54 1.63 -9.58
C GLU G 82 10.74 1.81 -8.69
N ALA G 83 10.76 1.05 -7.59
CA ALA G 83 11.91 1.03 -6.70
C ALA G 83 11.91 -0.30 -5.99
N ASP G 84 13.02 -1.03 -6.09
CA ASP G 84 13.14 -2.33 -5.46
C ASP G 84 14.09 -2.25 -4.29
N TYR G 85 13.72 -2.90 -3.19
CA TYR G 85 14.58 -2.98 -2.02
C TYR G 85 14.16 -4.27 -1.33
N TYR G 86 14.88 -5.34 -1.59
CA TYR G 86 14.37 -6.65 -1.28
C TYR G 86 14.97 -7.24 -0.02
N CYS G 87 14.15 -8.03 0.68
CA CYS G 87 14.56 -9.00 1.69
C CYS G 87 15.25 -8.32 2.87
N ALA G 88 14.89 -7.06 3.10
CA ALA G 88 15.64 -6.19 3.98
C ALA G 88 15.38 -6.56 5.43
N ALA G 89 16.19 -5.99 6.31
CA ALA G 89 16.05 -6.25 7.74
C ALA G 89 16.65 -5.06 8.47
N TRP G 90 15.80 -4.27 9.12
CA TRP G 90 16.31 -3.21 10.00
C TRP G 90 17.04 -3.80 11.19
N ASP G 91 16.47 -4.83 11.80
CA ASP G 91 17.15 -5.56 12.86
C ASP G 91 16.52 -6.94 12.93
N ALA G 92 17.21 -7.94 12.36
CA ALA G 92 16.71 -9.30 12.38
C ALA G 92 17.70 -10.19 13.11
N THR G 93 17.16 -11.19 13.81
CA THR G 93 17.97 -12.21 14.47
C THR G 93 17.23 -13.52 14.29
N LEU G 94 17.75 -14.39 13.44
CA LEU G 94 16.93 -15.49 12.95
C LEU G 94 16.92 -16.67 13.91
N ASN G 95 18.06 -16.99 14.52
CA ASN G 95 18.11 -18.05 15.51
C ASN G 95 19.06 -17.63 16.62
N ALA G 96 18.90 -18.25 17.79
CA ALA G 96 19.76 -17.90 18.91
C ALA G 96 19.71 -19.01 19.96
N TRP G 97 20.70 -18.95 20.85
CA TRP G 97 20.84 -19.78 22.03
C TRP G 97 21.67 -18.98 23.01
N VAL G 98 21.26 -18.98 24.27
CA VAL G 98 22.06 -18.35 25.33
C VAL G 98 22.13 -19.35 26.47
N PHE G 99 23.23 -19.33 27.21
CA PHE G 99 23.36 -20.11 28.42
C PHE G 99 24.11 -19.23 29.42
N GLY G 100 23.85 -19.43 30.72
CA GLY G 100 24.56 -18.70 31.76
C GLY G 100 25.21 -19.67 32.74
N GLY G 101 26.44 -19.36 33.12
CA GLY G 101 27.12 -20.17 34.12
C GLY G 101 28.05 -19.45 35.08
N GLY G 102 27.81 -18.18 35.36
CA GLY G 102 28.78 -17.42 36.14
C GLY G 102 28.66 -17.60 37.64
N THR G 103 29.52 -18.43 38.22
CA THR G 103 29.47 -18.75 39.65
C THR G 103 29.96 -17.57 40.50
N GLY H 13 25.07 -27.47 13.98
CA GLY H 13 25.10 -27.56 12.52
C GLY H 13 24.01 -26.76 11.87
N GLN H 14 24.28 -25.50 11.58
CA GLN H 14 23.31 -24.60 10.99
C GLN H 14 23.40 -24.60 9.47
N ARG H 15 22.28 -24.26 8.84
CA ARG H 15 22.22 -24.14 7.39
C ARG H 15 21.48 -22.85 7.06
N VAL H 16 22.03 -22.05 6.17
CA VAL H 16 21.37 -20.85 5.68
C VAL H 16 21.43 -20.88 4.17
N THR H 17 20.29 -20.67 3.51
CA THR H 17 20.23 -20.72 2.05
C THR H 17 19.38 -19.55 1.56
N ILE H 18 20.05 -18.47 1.15
CA ILE H 18 19.34 -17.27 0.72
C ILE H 18 19.50 -17.12 -0.78
N SER H 19 18.57 -17.67 -1.54
CA SER H 19 18.66 -17.58 -3.00
C SER H 19 17.85 -16.39 -3.51
N CYS H 20 18.15 -15.21 -2.99
CA CYS H 20 17.33 -14.04 -3.26
C CYS H 20 17.65 -13.50 -4.64
N SER H 21 16.85 -13.91 -5.61
CA SER H 21 17.07 -13.56 -7.01
C SER H 21 16.75 -12.09 -7.24
N GLY H 22 17.25 -11.57 -8.34
CA GLY H 22 17.27 -10.14 -8.56
C GLY H 22 16.36 -9.62 -9.64
N ARG H 23 16.96 -9.06 -10.69
CA ARG H 23 16.23 -8.37 -11.75
C ARG H 23 16.41 -9.12 -13.05
N SER H 24 15.30 -9.61 -13.62
CA SER H 24 15.27 -10.52 -14.76
C SER H 24 16.17 -11.72 -14.51
N SER H 25 15.81 -12.50 -13.51
CA SER H 25 16.71 -13.48 -12.92
C SER H 25 16.26 -14.91 -13.16
N ASN H 26 17.23 -15.75 -13.55
CA ASN H 26 17.07 -17.18 -13.76
C ASN H 26 16.01 -17.48 -14.80
N ILE H 27 16.08 -16.81 -15.92
CA ILE H 27 14.94 -16.75 -16.82
C ILE H 27 15.05 -17.87 -17.85
N GLY H 28 13.91 -18.53 -18.10
CA GLY H 28 13.91 -19.67 -18.97
C GLY H 28 13.89 -19.32 -20.44
N ARG H 29 12.81 -18.71 -20.88
CA ARG H 29 12.59 -18.43 -22.29
C ARG H 29 11.99 -17.04 -22.46
N ASN H 30 12.60 -16.06 -21.79
CA ASN H 30 12.05 -14.73 -21.72
C ASN H 30 12.16 -14.00 -23.06
N LEU H 31 11.22 -13.11 -23.32
CA LEU H 31 11.19 -12.34 -24.55
C LEU H 31 10.47 -11.03 -24.25
N VAL H 32 11.01 -9.92 -24.74
CA VAL H 32 10.34 -8.62 -24.64
C VAL H 32 10.29 -8.04 -26.05
N LYS H 33 9.21 -8.31 -26.77
CA LYS H 33 9.01 -7.67 -28.05
C LYS H 33 8.44 -6.28 -27.82
N TRP H 34 9.09 -5.28 -28.40
CA TRP H 34 8.59 -3.92 -28.31
C TRP H 34 8.40 -3.39 -29.71
N TYR H 35 7.53 -2.37 -29.82
CA TYR H 35 7.41 -1.61 -31.04
C TYR H 35 6.91 -0.23 -30.68
N GLN H 36 7.23 0.74 -31.52
CA GLN H 36 6.72 2.10 -31.38
C GLN H 36 6.77 2.74 -32.75
N GLN H 37 5.62 3.05 -33.32
CA GLN H 37 5.57 3.66 -34.64
C GLN H 37 4.84 4.98 -34.53
N PHE H 38 5.22 5.91 -35.39
CA PHE H 38 4.67 7.26 -35.51
C PHE H 38 4.62 8.13 -34.25
N PRO H 39 5.63 8.25 -33.38
CA PRO H 39 5.48 9.23 -32.30
C PRO H 39 6.01 10.60 -32.69
N GLY H 40 5.33 11.63 -32.21
CA GLY H 40 5.81 12.97 -32.40
C GLY H 40 5.81 13.65 -31.06
N THR H 41 6.96 14.13 -30.62
CA THR H 41 7.14 14.53 -29.23
C THR H 41 7.76 15.91 -29.19
N ALA H 42 7.23 16.80 -28.37
CA ALA H 42 7.84 18.12 -28.20
C ALA H 42 7.82 18.56 -26.74
N PRO H 43 8.43 17.78 -25.84
CA PRO H 43 8.31 18.10 -24.43
C PRO H 43 9.31 19.18 -24.00
N LYS H 44 8.81 20.39 -23.80
CA LYS H 44 9.66 21.47 -23.33
C LYS H 44 9.33 21.78 -21.87
N LEU H 45 10.27 22.40 -21.18
CA LEU H 45 10.07 22.85 -19.82
C LEU H 45 10.60 24.27 -19.70
N LEU H 46 9.81 25.15 -19.09
CA LEU H 46 10.20 26.53 -18.94
C LEU H 46 9.89 26.97 -17.52
N ILE H 47 10.79 27.74 -16.93
CA ILE H 47 10.64 28.16 -15.54
C ILE H 47 10.95 29.64 -15.42
N TYR H 48 10.05 30.39 -14.80
CA TYR H 48 10.36 31.77 -14.44
C TYR H 48 11.09 31.85 -13.11
N SER H 49 10.69 31.06 -12.11
CA SER H 49 11.38 31.01 -10.82
C SER H 49 10.98 29.72 -10.12
N ASN H 50 11.95 28.89 -9.78
CA ASN H 50 11.67 27.66 -9.05
C ASN H 50 12.89 27.30 -8.22
N ASP H 51 12.87 27.63 -6.95
CA ASP H 51 14.00 27.32 -6.08
C ASP H 51 13.57 26.37 -4.98
N GLN H 52 13.80 25.08 -5.21
CA GLN H 52 13.74 24.13 -4.13
C GLN H 52 14.90 24.36 -3.18
N ARG H 53 14.73 23.96 -1.92
CA ARG H 53 15.81 24.10 -0.94
C ARG H 53 15.95 22.83 -0.10
N PRO H 54 16.01 21.66 -0.72
CA PRO H 54 15.85 20.45 0.07
C PRO H 54 17.12 19.99 0.77
N SER H 55 17.24 20.24 2.06
CA SER H 55 18.47 19.94 2.81
C SER H 55 18.19 18.80 3.78
N GLY H 56 18.32 17.57 3.30
CA GLY H 56 17.97 16.42 4.11
C GLY H 56 19.06 16.06 5.09
N VAL H 57 18.70 15.90 6.36
CA VAL H 57 19.70 15.50 7.36
C VAL H 57 19.27 14.19 8.00
N PRO H 58 19.62 13.04 7.44
CA PRO H 58 19.31 11.77 8.11
C PRO H 58 20.36 11.42 9.14
N ASP H 59 20.05 10.41 9.94
CA ASP H 59 21.03 9.84 10.84
C ASP H 59 21.34 8.39 10.51
N ARG H 60 20.35 7.50 10.55
CA ARG H 60 20.52 6.11 10.20
C ARG H 60 19.51 5.79 9.12
N PHE H 61 19.97 5.22 8.03
CA PHE H 61 19.11 5.15 6.88
C PHE H 61 19.40 3.88 6.12
N SER H 62 18.39 3.26 5.55
CA SER H 62 18.63 2.12 4.68
C SER H 62 17.73 2.05 3.46
N GLY H 63 16.87 3.04 3.23
CA GLY H 63 15.80 2.89 2.27
C GLY H 63 16.18 3.20 0.84
N SER H 64 15.25 2.91 -0.07
CA SER H 64 15.60 2.83 -1.49
C SER H 64 15.77 4.21 -2.13
N LYS H 65 14.70 4.99 -2.21
CA LYS H 65 14.76 6.32 -2.81
C LYS H 65 14.78 7.31 -1.66
N SER H 66 15.97 7.62 -1.20
CA SER H 66 16.16 8.38 0.03
C SER H 66 15.82 9.85 -0.12
N GLY H 67 15.65 10.31 -1.34
CA GLY H 67 15.75 11.73 -1.58
C GLY H 67 14.58 12.60 -1.24
N THR H 68 14.68 13.34 -0.15
CA THR H 68 13.80 14.48 0.06
C THR H 68 14.17 15.48 -1.00
N SER H 69 13.38 15.53 -2.07
CA SER H 69 13.91 16.05 -3.33
C SER H 69 12.77 16.45 -4.24
N ALA H 70 12.45 17.73 -4.30
CA ALA H 70 11.31 18.16 -5.09
C ALA H 70 11.70 18.23 -6.56
N SER H 71 11.35 17.21 -7.32
CA SER H 71 11.73 17.10 -8.72
C SER H 71 10.60 17.60 -9.62
N LEU H 72 10.85 17.54 -10.92
CA LEU H 72 9.86 17.89 -11.95
C LEU H 72 10.13 17.00 -13.16
N ALA H 73 9.40 15.91 -13.28
CA ALA H 73 9.71 14.92 -14.30
C ALA H 73 8.67 15.02 -15.40
N VAL H 74 9.00 15.76 -16.45
CA VAL H 74 8.17 15.77 -17.65
C VAL H 74 8.63 14.63 -18.53
N SER H 75 7.72 13.75 -18.88
CA SER H 75 8.06 12.58 -19.68
C SER H 75 7.41 12.68 -21.04
N GLY H 76 8.20 12.45 -22.06
CA GLY H 76 7.72 12.37 -23.42
C GLY H 76 7.26 10.97 -23.70
N LEU H 77 7.93 10.34 -24.67
CA LEU H 77 7.60 8.96 -25.00
C LEU H 77 7.93 7.99 -23.87
N GLN H 78 9.19 7.89 -23.48
CA GLN H 78 9.50 6.84 -22.52
C GLN H 78 10.60 7.28 -21.58
N SER H 79 10.43 6.93 -20.30
CA SER H 79 11.44 7.21 -19.30
C SER H 79 11.27 6.17 -18.19
N GLU H 80 12.12 5.16 -18.20
CA GLU H 80 12.03 4.09 -17.23
C GLU H 80 13.07 4.34 -16.14
N ASP H 81 12.64 4.32 -14.89
CA ASP H 81 13.54 4.61 -13.78
C ASP H 81 13.24 3.70 -12.62
N GLU H 82 14.17 2.81 -12.30
CA GLU H 82 14.02 1.93 -11.16
C GLU H 82 15.23 2.09 -10.26
N ALA H 83 15.26 1.32 -9.18
CA ALA H 83 16.40 1.29 -8.29
C ALA H 83 16.40 -0.05 -7.60
N ASP H 84 17.50 -0.79 -7.70
CA ASP H 84 17.61 -2.09 -7.08
C ASP H 84 18.58 -2.02 -5.92
N TYR H 85 18.21 -2.68 -4.83
CA TYR H 85 19.08 -2.78 -3.66
C TYR H 85 18.64 -4.07 -2.97
N TYR H 86 19.36 -5.14 -3.25
CA TYR H 86 18.85 -6.46 -2.96
C TYR H 86 19.45 -7.06 -1.70
N CYS H 87 18.63 -7.86 -1.02
CA CYS H 87 19.04 -8.83 -0.01
C CYS H 87 19.73 -8.18 1.17
N ALA H 88 19.38 -6.91 1.42
CA ALA H 88 20.13 -6.06 2.32
C ALA H 88 19.87 -6.44 3.75
N ALA H 89 20.69 -5.88 4.64
CA ALA H 89 20.56 -6.15 6.07
C ALA H 89 21.17 -4.98 6.81
N TRP H 90 20.32 -4.18 7.47
CA TRP H 90 20.83 -3.14 8.35
C TRP H 90 21.57 -3.73 9.53
N ASP H 91 20.99 -4.77 10.14
CA ASP H 91 21.68 -5.52 11.20
C ASP H 91 21.04 -6.91 11.24
N ALA H 92 21.71 -7.89 10.67
CA ALA H 92 21.22 -9.26 10.66
C ALA H 92 22.20 -10.16 11.39
N THR H 93 21.66 -11.16 12.07
CA THR H 93 22.47 -12.18 12.74
C THR H 93 21.73 -13.49 12.54
N LEU H 94 22.24 -14.35 11.67
CA LEU H 94 21.42 -15.44 11.18
C LEU H 94 21.40 -16.63 12.12
N ASN H 95 22.54 -16.97 12.73
CA ASN H 95 22.58 -18.04 13.71
C ASN H 95 23.54 -17.64 14.81
N ALA H 96 23.39 -18.26 15.99
CA ALA H 96 24.24 -17.93 17.11
C ALA H 96 24.20 -19.05 18.14
N TRP H 97 25.19 -19.00 19.03
CA TRP H 97 25.33 -19.85 20.20
C TRP H 97 26.16 -19.06 21.20
N VAL H 98 25.76 -19.07 22.45
CA VAL H 98 26.56 -18.45 23.51
C VAL H 98 26.64 -19.47 24.64
N PHE H 99 27.74 -19.46 25.38
CA PHE H 99 27.87 -20.25 26.59
C PHE H 99 28.62 -19.39 27.59
N GLY H 100 28.37 -19.60 28.88
CA GLY H 100 29.08 -18.89 29.93
C GLY H 100 29.73 -19.86 30.90
N GLY H 101 30.98 -19.56 31.27
CA GLY H 101 31.65 -20.39 32.26
C GLY H 101 32.59 -19.68 33.23
N GLY H 102 32.35 -18.41 33.53
CA GLY H 102 33.32 -17.66 34.32
C GLY H 102 33.21 -17.85 35.82
N THR H 103 34.07 -18.70 36.38
CA THR H 103 34.01 -19.02 37.80
C THR H 103 34.52 -17.87 38.66
#